data_7YRJ
#
_entry.id   7YRJ
#
_cell.length_a   64.333
_cell.length_b   78.896
_cell.length_c   100.096
_cell.angle_alpha   90.000
_cell.angle_beta   96.400
_cell.angle_gamma   90.000
#
_symmetry.space_group_name_H-M   'P 1 21 1'
#
loop_
_entity.id
_entity.type
_entity.pdbx_description
1 polymer 'S-adenosylmethionine sensor upstream of mTORC1'
2 non-polymer SINEFUNGIN
3 water water
#
_entity_poly.entity_id   1
_entity_poly.type   'polypeptide(L)'
_entity_poly.pdbx_seq_one_letter_code
;ELQARSRIKWAIDYITKYFFTEGIYLQKRQREQRLLESYRAEGKLGEVQCRLMEEPPDRLHVLDVGSCFNPFSSAPHLEV
TALDLCPATEDVLQADFLKVEVVPGIREPELEEGSVRRLPASHYECVIFSLLLEYMPSAEQRLQCCLQAYDLLLPEGILV
LITPDSQHVGKNAHLMKNWRYSLARIGLLRVRFEKLPHISCMVFRKAISRELSQHWASIHREEGMCEEIRIPQDDS
;
_entity_poly.pdbx_strand_id   B,A,C,D
#
loop_
_chem_comp.id
_chem_comp.type
_chem_comp.name
_chem_comp.formula
SFG non-polymer SINEFUNGIN 'C15 H23 N7 O5'
#
# COMPACT_ATOMS: atom_id res chain seq x y z
N ALA A 4 -10.58 24.92 -7.07
CA ALA A 4 -10.00 25.94 -7.94
C ALA A 4 -8.64 26.38 -7.41
N ARG A 5 -7.87 25.41 -6.89
CA ARG A 5 -6.54 25.69 -6.38
C ARG A 5 -5.57 25.79 -7.56
N SER A 6 -4.91 26.93 -7.67
CA SER A 6 -3.98 27.19 -8.77
C SER A 6 -2.59 26.66 -8.42
N ARG A 7 -1.98 25.95 -9.37
CA ARG A 7 -0.61 25.50 -9.19
C ARG A 7 0.33 26.67 -8.87
N ILE A 8 0.04 27.86 -9.41
CA ILE A 8 0.85 29.03 -9.12
C ILE A 8 0.69 29.43 -7.66
N LYS A 9 -0.55 29.44 -7.16
CA LYS A 9 -0.78 29.81 -5.77
C LYS A 9 -0.24 28.76 -4.82
N TRP A 10 -0.32 27.48 -5.21
CA TRP A 10 0.24 26.41 -4.38
C TRP A 10 1.77 26.53 -4.32
N ALA A 11 2.42 26.82 -5.45
CA ALA A 11 3.87 26.90 -5.46
C ALA A 11 4.36 28.10 -4.64
N ILE A 12 3.75 29.26 -4.84
CA ILE A 12 4.13 30.44 -4.06
C ILE A 12 3.93 30.18 -2.57
N ASP A 13 2.82 29.53 -2.22
CA ASP A 13 2.55 29.26 -0.81
C ASP A 13 3.62 28.38 -0.21
N TYR A 14 4.04 27.33 -0.92
CA TYR A 14 5.04 26.43 -0.35
C TYR A 14 6.39 27.11 -0.21
N ILE A 15 6.83 27.84 -1.25
CA ILE A 15 8.14 28.48 -1.20
C ILE A 15 8.23 29.37 0.03
N THR A 16 7.18 30.16 0.30
CA THR A 16 7.19 31.02 1.47
C THR A 16 7.28 30.20 2.75
N LYS A 17 6.50 29.13 2.85
CA LYS A 17 6.57 28.27 4.03
C LYS A 17 7.95 27.67 4.18
N TYR A 18 8.58 27.27 3.07
CA TYR A 18 9.85 26.55 3.14
C TYR A 18 10.96 27.44 3.69
N PHE A 19 11.06 28.68 3.20
CA PHE A 19 12.16 29.57 3.58
C PHE A 19 11.81 30.54 4.70
N PHE A 20 10.54 30.89 4.87
CA PHE A 20 10.18 32.02 5.73
C PHE A 20 9.22 31.64 6.85
N THR A 21 7.99 31.23 6.53
CA THR A 21 6.91 31.22 7.51
C THR A 21 6.84 29.96 8.35
N GLU A 22 7.35 28.82 7.86
CA GLU A 22 7.40 27.60 8.65
C GLU A 22 8.80 27.02 8.75
N GLY A 23 9.79 27.64 8.12
CA GLY A 23 11.16 27.15 8.23
C GLY A 23 11.30 25.67 7.93
N ILE A 24 10.57 25.18 6.93
CA ILE A 24 10.63 23.75 6.60
C ILE A 24 12.06 23.35 6.29
N TYR A 25 12.86 24.26 5.73
CA TYR A 25 14.23 23.90 5.38
C TYR A 25 15.03 23.48 6.60
N LEU A 26 14.74 24.07 7.77
CA LEU A 26 15.43 23.65 8.98
C LEU A 26 14.88 22.32 9.48
N GLN A 27 13.56 22.09 9.33
CA GLN A 27 13.00 20.81 9.73
C GLN A 27 13.58 19.67 8.91
N LYS A 28 13.78 19.89 7.61
CA LYS A 28 14.34 18.85 6.76
C LYS A 28 15.83 18.67 7.00
N ARG A 29 16.54 19.77 7.26
CA ARG A 29 17.95 19.65 7.64
C ARG A 29 18.10 18.70 8.82
N GLN A 30 17.32 18.92 9.88
CA GLN A 30 17.41 18.06 11.06
C GLN A 30 17.05 16.61 10.71
N ARG A 31 16.01 16.43 9.90
CA ARG A 31 15.64 15.08 9.47
C ARG A 31 16.79 14.41 8.72
N GLU A 32 17.43 15.14 7.80
CA GLU A 32 18.52 14.56 7.03
C GLU A 32 19.76 14.36 7.87
N GLN A 33 20.00 15.21 8.86
CA GLN A 33 21.11 14.98 9.78
C GLN A 33 20.88 13.73 10.61
N ARG A 34 19.64 13.51 11.05
CA ARG A 34 19.33 12.28 11.78
C ARG A 34 19.51 11.07 10.89
N LEU A 35 19.09 11.16 9.63
CA LEU A 35 19.23 10.03 8.72
C LEU A 35 20.69 9.72 8.46
N LEU A 36 21.53 10.75 8.32
CA LEU A 36 22.95 10.51 8.10
C LEU A 36 23.59 9.81 9.29
N GLU A 37 23.10 10.10 10.51
CA GLU A 37 23.65 9.42 11.68
C GLU A 37 23.20 7.97 11.73
N SER A 38 21.96 7.69 11.32
CA SER A 38 21.47 6.31 11.28
C SER A 38 22.27 5.47 10.29
N TYR A 39 22.58 6.04 9.12
CA TYR A 39 23.36 5.31 8.13
C TYR A 39 24.79 5.10 8.62
N ARG A 40 25.41 6.15 9.17
CA ARG A 40 26.76 6.02 9.71
C ARG A 40 26.82 4.94 10.79
N ALA A 41 25.77 4.85 11.60
CA ALA A 41 25.73 3.87 12.68
C ALA A 41 25.53 2.45 12.18
N GLU A 42 25.12 2.27 10.93
CA GLU A 42 25.03 0.95 10.32
C GLU A 42 26.23 0.63 9.45
N GLY A 43 27.28 1.45 9.53
CA GLY A 43 28.48 1.23 8.74
C GLY A 43 28.32 1.49 7.26
N LYS A 44 27.16 1.97 6.81
CA LYS A 44 26.93 2.15 5.38
C LYS A 44 27.60 3.41 4.84
N LEU A 45 27.66 4.47 5.65
CA LEU A 45 28.28 5.73 5.23
C LEU A 45 29.28 6.17 6.29
N GLY A 46 30.29 6.91 5.85
CA GLY A 46 31.27 7.48 6.75
C GLY A 46 31.31 8.99 6.66
N GLU A 47 32.49 9.57 6.52
CA GLU A 47 32.61 11.01 6.37
C GLU A 47 32.04 11.43 5.02
N VAL A 48 31.04 12.30 5.05
CA VAL A 48 30.41 12.83 3.85
C VAL A 48 30.45 14.35 3.91
N GLN A 49 30.63 14.97 2.75
CA GLN A 49 30.54 16.43 2.67
C GLN A 49 29.10 16.87 2.87
N CYS A 50 28.89 17.82 3.78
CA CYS A 50 27.59 18.42 4.02
C CYS A 50 27.71 19.92 3.79
N ARG A 51 26.88 20.44 2.89
CA ARG A 51 26.81 21.87 2.63
C ARG A 51 25.42 22.36 3.01
N LEU A 52 25.38 23.48 3.74
CA LEU A 52 24.14 24.00 4.30
C LEU A 52 23.96 25.45 3.86
N MET A 53 22.70 25.86 3.85
CA MET A 53 22.32 27.21 3.45
C MET A 53 22.43 28.17 4.64
N GLU A 54 22.76 29.42 4.33
CA GLU A 54 22.68 30.47 5.32
C GLU A 54 21.22 30.87 5.50
N GLU A 55 20.97 31.86 6.35
CA GLU A 55 19.61 32.33 6.57
C GLU A 55 19.04 32.84 5.25
N PRO A 56 17.84 32.41 4.85
CA PRO A 56 17.30 32.80 3.55
C PRO A 56 17.26 34.31 3.40
N PRO A 57 17.58 34.83 2.22
CA PRO A 57 17.50 36.28 2.01
C PRO A 57 16.06 36.77 2.04
N ASP A 58 15.90 38.09 2.02
CA ASP A 58 14.57 38.66 1.97
C ASP A 58 13.96 38.56 0.58
N ARG A 59 14.79 38.49 -0.45
CA ARG A 59 14.35 38.28 -1.83
C ARG A 59 14.97 36.97 -2.32
N LEU A 60 14.14 35.97 -2.54
CA LEU A 60 14.62 34.69 -3.04
C LEU A 60 14.90 34.77 -4.54
N HIS A 61 15.99 34.13 -4.96
CA HIS A 61 16.34 34.06 -6.38
C HIS A 61 15.69 32.82 -6.98
N VAL A 62 14.70 33.03 -7.85
CA VAL A 62 13.89 31.95 -8.40
C VAL A 62 14.08 31.90 -9.90
N LEU A 63 14.14 30.68 -10.43
CA LEU A 63 14.31 30.43 -11.87
C LEU A 63 13.10 29.65 -12.34
N ASP A 64 12.30 30.27 -13.21
CA ASP A 64 11.09 29.67 -13.75
C ASP A 64 11.40 29.17 -15.16
N VAL A 65 11.68 27.87 -15.27
CA VAL A 65 12.08 27.25 -16.53
C VAL A 65 10.83 26.76 -17.24
N GLY A 66 10.73 27.06 -18.54
CA GLY A 66 9.46 26.88 -19.21
C GLY A 66 8.42 27.89 -18.76
N SER A 67 8.87 29.09 -18.40
CA SER A 67 7.97 30.16 -17.95
C SER A 67 7.34 30.79 -19.18
N CYS A 68 6.13 30.37 -19.52
CA CYS A 68 5.46 30.92 -20.69
C CYS A 68 5.19 32.42 -20.52
N PHE A 69 4.80 32.84 -19.31
CA PHE A 69 4.39 34.24 -19.12
C PHE A 69 4.81 34.81 -17.77
N ASN A 70 5.76 34.19 -17.08
CA ASN A 70 6.30 34.73 -15.83
C ASN A 70 5.22 34.92 -14.76
N PRO A 71 4.46 33.88 -14.43
CA PRO A 71 3.41 34.05 -13.40
C PRO A 71 3.94 34.41 -12.02
N PHE A 72 5.18 34.06 -11.69
CA PHE A 72 5.70 34.24 -10.34
C PHE A 72 6.44 35.56 -10.16
N SER A 73 6.51 36.41 -11.19
CA SER A 73 7.31 37.63 -11.08
C SER A 73 6.73 38.59 -10.05
N SER A 74 5.40 38.64 -9.94
CA SER A 74 4.76 39.59 -9.05
C SER A 74 4.77 39.15 -7.59
N ALA A 75 5.01 37.87 -7.32
CA ALA A 75 4.93 37.36 -5.96
C ALA A 75 5.88 38.14 -5.05
N PRO A 76 5.50 38.36 -3.80
CA PRO A 76 6.36 39.14 -2.89
C PRO A 76 7.57 38.33 -2.47
N HIS A 77 8.75 38.96 -2.54
CA HIS A 77 10.00 38.39 -2.09
C HIS A 77 10.53 37.30 -3.01
N LEU A 78 10.07 37.26 -4.27
CA LEU A 78 10.59 36.33 -5.28
C LEU A 78 11.19 37.15 -6.42
N GLU A 79 12.50 37.07 -6.57
CA GLU A 79 13.20 37.64 -7.73
C GLU A 79 13.28 36.56 -8.78
N VAL A 80 12.37 36.61 -9.76
CA VAL A 80 12.17 35.52 -10.71
C VAL A 80 12.93 35.80 -11.98
N THR A 81 13.73 34.83 -12.41
CA THR A 81 14.32 34.82 -13.74
C THR A 81 13.57 33.80 -14.58
N ALA A 82 12.92 34.26 -15.65
CA ALA A 82 12.02 33.43 -16.44
C ALA A 82 12.65 33.07 -17.78
N LEU A 83 12.46 31.81 -18.17
CA LEU A 83 13.04 31.26 -19.39
C LEU A 83 11.96 30.50 -20.14
N ASP A 84 12.04 30.52 -21.48
CA ASP A 84 11.12 29.74 -22.29
C ASP A 84 11.65 29.60 -23.70
N LEU A 85 11.40 28.43 -24.30
CA LEU A 85 11.76 28.20 -25.69
C LEU A 85 10.95 29.09 -26.63
N CYS A 86 9.72 29.42 -26.25
CA CYS A 86 8.84 30.27 -27.05
C CYS A 86 8.15 31.25 -26.13
N PRO A 87 8.85 32.31 -25.71
CA PRO A 87 8.26 33.24 -24.74
C PRO A 87 6.96 33.85 -25.27
N ALA A 88 5.98 33.93 -24.40
CA ALA A 88 4.70 34.57 -24.71
C ALA A 88 4.64 36.01 -24.24
N THR A 89 5.53 36.42 -23.34
CA THR A 89 5.56 37.78 -22.82
C THR A 89 6.98 38.31 -22.88
N GLU A 90 7.09 39.64 -22.89
CA GLU A 90 8.39 40.28 -23.09
C GLU A 90 9.32 40.14 -21.90
N ASP A 91 8.78 39.82 -20.72
CA ASP A 91 9.60 39.68 -19.52
C ASP A 91 10.20 38.29 -19.36
N VAL A 92 9.95 37.39 -20.31
CA VAL A 92 10.49 36.03 -20.27
C VAL A 92 11.63 35.95 -21.26
N LEU A 93 12.76 35.39 -20.82
CA LEU A 93 13.92 35.27 -21.68
C LEU A 93 13.81 34.02 -22.57
N GLN A 94 14.37 34.13 -23.77
CA GLN A 94 14.36 33.02 -24.71
C GLN A 94 15.51 32.07 -24.43
N ALA A 95 15.23 30.77 -24.46
CA ALA A 95 16.28 29.79 -24.21
C ALA A 95 15.73 28.39 -24.43
N ASP A 96 16.60 27.49 -24.86
CA ASP A 96 16.38 26.06 -24.82
C ASP A 96 17.15 25.54 -23.61
N PHE A 97 16.43 25.25 -22.54
CA PHE A 97 17.06 24.80 -21.29
C PHE A 97 18.04 23.66 -21.55
N LEU A 98 17.69 22.75 -22.45
CA LEU A 98 18.53 21.58 -22.70
C LEU A 98 19.92 21.95 -23.16
N LYS A 99 20.13 23.18 -23.62
CA LYS A 99 21.42 23.61 -24.15
C LYS A 99 22.08 24.67 -23.29
N VAL A 100 21.57 24.90 -22.08
CA VAL A 100 22.12 25.90 -21.17
C VAL A 100 23.28 25.30 -20.39
N GLU A 101 24.35 26.08 -20.22
CA GLU A 101 25.47 25.70 -19.39
C GLU A 101 25.30 26.27 -17.99
N VAL A 102 25.54 25.45 -16.97
CA VAL A 102 25.55 25.90 -15.59
C VAL A 102 27.00 26.24 -15.24
N VAL A 103 27.28 27.52 -15.06
CA VAL A 103 28.64 28.04 -14.95
C VAL A 103 28.87 28.52 -13.53
N PRO A 104 29.94 28.10 -12.86
CA PRO A 104 30.31 28.75 -11.60
C PRO A 104 31.08 30.03 -11.86
N GLY A 105 30.99 30.95 -10.90
CA GLY A 105 31.72 32.19 -10.98
C GLY A 105 31.00 33.33 -11.68
N ILE A 106 29.69 33.22 -11.91
CA ILE A 106 28.92 34.27 -12.57
C ILE A 106 27.70 34.58 -11.71
N ARG A 107 27.18 35.79 -11.91
CA ARG A 107 26.09 36.31 -11.09
C ARG A 107 24.76 36.40 -11.80
N GLU A 108 24.75 36.53 -13.12
CA GLU A 108 23.54 36.74 -13.90
C GLU A 108 23.61 35.93 -15.18
N PRO A 109 22.46 35.69 -15.82
CA PRO A 109 22.47 34.94 -17.09
C PRO A 109 23.30 35.66 -18.14
N GLU A 110 23.88 34.87 -19.05
CA GLU A 110 24.69 35.40 -20.14
C GLU A 110 24.07 34.95 -21.46
N LEU A 111 23.68 35.91 -22.28
CA LEU A 111 22.93 35.64 -23.50
C LEU A 111 23.82 35.78 -24.73
N GLU A 112 23.49 34.99 -25.75
CA GLU A 112 24.16 35.05 -27.04
C GLU A 112 23.11 34.96 -28.13
N GLU A 113 23.12 35.93 -29.06
CA GLU A 113 22.13 35.99 -30.13
C GLU A 113 20.71 36.04 -29.57
N GLY A 114 20.55 36.65 -28.39
CA GLY A 114 19.25 36.80 -27.77
C GLY A 114 18.75 35.58 -27.03
N SER A 115 19.53 34.50 -26.98
CA SER A 115 19.15 33.28 -26.29
C SER A 115 20.04 33.07 -25.07
N VAL A 116 19.43 32.71 -23.95
CA VAL A 116 20.21 32.40 -22.75
C VAL A 116 21.02 31.15 -23.01
N ARG A 117 22.34 31.25 -22.81
CA ARG A 117 23.23 30.11 -22.98
C ARG A 117 24.02 29.77 -21.72
N ARG A 118 24.07 30.65 -20.72
CA ARG A 118 24.79 30.39 -19.49
C ARG A 118 24.01 30.94 -18.31
N LEU A 119 23.91 30.15 -17.25
CA LEU A 119 23.23 30.54 -16.03
C LEU A 119 24.15 30.33 -14.83
N PRO A 120 23.97 31.12 -13.77
CA PRO A 120 24.87 31.01 -12.60
C PRO A 120 24.62 29.74 -11.81
N ALA A 121 25.70 29.02 -11.51
CA ALA A 121 25.64 27.83 -10.69
C ALA A 121 25.45 28.19 -9.22
N SER A 122 24.79 27.30 -8.49
CA SER A 122 24.53 27.45 -7.06
C SER A 122 24.25 28.92 -6.72
N HIS A 123 23.16 29.41 -7.31
CA HIS A 123 22.77 30.81 -7.20
C HIS A 123 21.29 30.99 -6.88
N TYR A 124 20.45 30.01 -7.17
CA TYR A 124 19.00 30.12 -7.04
C TYR A 124 18.53 29.35 -5.82
N GLU A 125 17.69 29.99 -5.00
CA GLU A 125 17.05 29.29 -3.90
C GLU A 125 15.98 28.32 -4.38
N CYS A 126 15.45 28.51 -5.59
CA CYS A 126 14.35 27.70 -6.09
C CYS A 126 14.40 27.64 -7.62
N VAL A 127 14.04 26.46 -8.14
CA VAL A 127 13.88 26.23 -9.58
C VAL A 127 12.51 25.61 -9.77
N ILE A 128 11.73 26.13 -10.72
CA ILE A 128 10.35 25.73 -10.93
C ILE A 128 10.22 25.06 -12.30
N PHE A 129 9.73 23.83 -12.30
CA PHE A 129 9.41 23.07 -13.52
C PHE A 129 7.89 22.86 -13.52
N SER A 130 7.14 23.89 -13.90
CA SER A 130 5.68 23.82 -13.89
C SER A 130 5.20 23.35 -15.25
N LEU A 131 4.81 22.08 -15.33
CA LEU A 131 4.29 21.49 -16.56
C LEU A 131 5.27 21.71 -17.72
N LEU A 132 6.52 21.32 -17.47
CA LEU A 132 7.58 21.41 -18.47
C LEU A 132 8.11 20.06 -18.90
N LEU A 133 8.32 19.14 -17.95
CA LEU A 133 9.03 17.91 -18.26
C LEU A 133 8.29 17.03 -19.25
N GLU A 134 6.96 17.13 -19.31
CA GLU A 134 6.21 16.30 -20.24
C GLU A 134 6.36 16.78 -21.68
N TYR A 135 6.72 18.05 -21.89
CA TYR A 135 7.05 18.51 -23.24
C TYR A 135 8.38 17.93 -23.73
N MET A 136 9.19 17.39 -22.82
CA MET A 136 10.48 16.84 -23.22
C MET A 136 10.27 15.52 -23.96
N PRO A 137 11.04 15.25 -25.02
CA PRO A 137 10.82 14.02 -25.78
C PRO A 137 11.17 12.75 -25.02
N SER A 138 12.40 12.64 -24.53
CA SER A 138 12.91 11.41 -23.95
C SER A 138 13.01 11.52 -22.44
N ALA A 139 13.10 10.35 -21.80
CA ALA A 139 13.35 10.32 -20.36
C ALA A 139 14.75 10.81 -20.03
N GLU A 140 15.72 10.49 -20.89
CA GLU A 140 17.09 10.95 -20.69
C GLU A 140 17.14 12.47 -20.59
N GLN A 141 16.31 13.16 -21.38
CA GLN A 141 16.34 14.62 -21.39
C GLN A 141 15.56 15.21 -20.23
N ARG A 142 14.54 14.50 -19.72
CA ARG A 142 13.87 14.94 -18.51
C ARG A 142 14.83 14.91 -17.32
N LEU A 143 15.56 13.81 -17.17
CA LEU A 143 16.55 13.72 -16.11
C LEU A 143 17.61 14.81 -16.26
N GLN A 144 18.01 15.09 -17.51
CA GLN A 144 18.99 16.15 -17.74
C GLN A 144 18.52 17.47 -17.15
N CYS A 145 17.23 17.79 -17.32
CA CYS A 145 16.69 19.02 -16.77
C CYS A 145 16.87 19.07 -15.25
N CYS A 146 16.65 17.94 -14.57
CA CYS A 146 16.78 17.93 -13.12
C CYS A 146 18.24 17.95 -12.70
N LEU A 147 19.13 17.32 -13.46
CA LEU A 147 20.55 17.40 -13.15
C LEU A 147 21.04 18.84 -13.24
N GLN A 148 20.58 19.57 -14.26
CA GLN A 148 20.97 20.98 -14.38
C GLN A 148 20.37 21.81 -13.25
N ALA A 149 19.14 21.50 -12.85
CA ALA A 149 18.53 22.22 -11.73
C ALA A 149 19.34 22.03 -10.45
N TYR A 150 19.86 20.81 -10.23
CA TYR A 150 20.62 20.55 -9.01
C TYR A 150 21.90 21.38 -8.98
N ASP A 151 22.54 21.57 -10.14
CA ASP A 151 23.74 22.41 -10.18
C ASP A 151 23.39 23.88 -10.02
N LEU A 152 22.18 24.28 -10.40
CA LEU A 152 21.79 25.68 -10.29
C LEU A 152 21.34 26.04 -8.88
N LEU A 153 20.84 25.08 -8.11
CA LEU A 153 20.30 25.36 -6.79
C LEU A 153 21.42 25.60 -5.78
N LEU A 154 21.12 26.45 -4.80
CA LEU A 154 21.96 26.57 -3.63
C LEU A 154 21.78 25.33 -2.75
N PRO A 155 22.71 25.08 -1.83
CA PRO A 155 22.47 24.04 -0.82
C PRO A 155 21.12 24.23 -0.17
N GLU A 156 20.36 23.14 -0.07
CA GLU A 156 19.05 23.10 0.57
C GLU A 156 17.99 23.90 -0.19
N GLY A 157 18.27 24.32 -1.42
CA GLY A 157 17.23 24.86 -2.27
C GLY A 157 16.26 23.79 -2.71
N ILE A 158 15.19 24.22 -3.37
CA ILE A 158 14.08 23.32 -3.71
C ILE A 158 13.78 23.36 -5.20
N LEU A 159 13.32 22.22 -5.71
CA LEU A 159 12.84 22.09 -7.08
C LEU A 159 11.35 21.78 -7.02
N VAL A 160 10.53 22.71 -7.52
CA VAL A 160 9.10 22.50 -7.62
C VAL A 160 8.81 21.80 -8.95
N LEU A 161 8.22 20.61 -8.86
CA LEU A 161 7.88 19.81 -10.04
C LEU A 161 6.37 19.64 -10.07
N ILE A 162 5.72 20.21 -11.08
CA ILE A 162 4.27 20.08 -11.28
C ILE A 162 4.07 19.31 -12.57
N THR A 163 3.32 18.20 -12.48
CA THR A 163 3.14 17.31 -13.61
C THR A 163 1.67 17.02 -13.83
N PRO A 164 1.25 16.77 -15.08
CA PRO A 164 -0.15 16.45 -15.34
C PRO A 164 -0.50 15.04 -14.87
N ASP A 165 -1.81 14.80 -14.78
CA ASP A 165 -2.34 13.49 -14.43
C ASP A 165 -2.89 12.79 -15.67
N ALA A 173 1.49 6.96 -9.66
CA ALA A 173 1.37 5.63 -9.04
C ALA A 173 2.76 5.05 -8.80
N HIS A 174 3.08 3.93 -9.47
CA HIS A 174 4.44 3.42 -9.44
C HIS A 174 5.40 4.37 -10.14
N LEU A 175 4.88 5.30 -10.95
CA LEU A 175 5.74 6.28 -11.61
C LEU A 175 6.30 7.28 -10.62
N MET A 176 5.47 7.77 -9.70
CA MET A 176 5.91 8.78 -8.76
C MET A 176 6.95 8.24 -7.79
N LYS A 177 6.90 6.95 -7.48
CA LYS A 177 7.93 6.37 -6.64
C LYS A 177 9.21 6.11 -7.42
N ASN A 178 9.11 5.88 -8.73
CA ASN A 178 10.31 5.79 -9.56
C ASN A 178 10.95 7.16 -9.74
N TRP A 179 10.13 8.22 -9.82
CA TRP A 179 10.70 9.57 -9.88
C TRP A 179 11.42 9.93 -8.60
N ARG A 180 10.83 9.57 -7.46
CA ARG A 180 11.50 9.77 -6.18
C ARG A 180 12.86 9.09 -6.17
N TYR A 181 12.92 7.83 -6.62
CA TYR A 181 14.19 7.12 -6.65
C TYR A 181 15.18 7.80 -7.59
N SER A 182 14.74 8.09 -8.81
CA SER A 182 15.65 8.62 -9.82
C SER A 182 16.18 9.99 -9.43
N LEU A 183 15.37 10.79 -8.72
CA LEU A 183 15.83 12.11 -8.31
C LEU A 183 16.67 12.04 -7.04
N ALA A 184 16.33 11.13 -6.12
CA ALA A 184 17.18 10.94 -4.95
C ALA A 184 18.57 10.48 -5.35
N ARG A 185 18.70 9.80 -6.49
CA ARG A 185 20.01 9.34 -6.93
C ARG A 185 20.91 10.47 -7.39
N ILE A 186 20.33 11.64 -7.69
CA ILE A 186 21.11 12.79 -8.12
C ILE A 186 21.21 13.85 -7.04
N GLY A 187 20.70 13.59 -5.84
CA GLY A 187 20.85 14.49 -4.72
C GLY A 187 19.59 15.21 -4.30
N LEU A 188 18.44 14.93 -4.92
CA LEU A 188 17.20 15.62 -4.64
C LEU A 188 16.22 14.67 -3.96
N LEU A 189 15.83 15.00 -2.73
CA LEU A 189 14.90 14.19 -1.95
C LEU A 189 13.53 14.85 -1.93
N ARG A 190 12.48 14.06 -2.12
CA ARG A 190 11.13 14.60 -2.11
C ARG A 190 10.74 15.03 -0.70
N VAL A 191 10.17 16.23 -0.60
CA VAL A 191 9.75 16.78 0.69
C VAL A 191 8.27 17.08 0.75
N ARG A 192 7.56 17.06 -0.39
CA ARG A 192 6.14 17.39 -0.39
C ARG A 192 5.50 16.81 -1.64
N PHE A 193 4.33 16.20 -1.47
CA PHE A 193 3.52 15.72 -2.58
C PHE A 193 2.07 16.06 -2.31
N GLU A 194 1.44 16.77 -3.24
CA GLU A 194 0.04 17.15 -3.11
C GLU A 194 -0.67 16.96 -4.45
N LYS A 195 -1.94 16.59 -4.37
CA LYS A 195 -2.77 16.39 -5.55
C LYS A 195 -3.71 17.59 -5.68
N LEU A 196 -3.48 18.41 -6.68
CA LEU A 196 -4.42 19.44 -7.08
C LEU A 196 -5.17 18.98 -8.31
N PRO A 197 -6.30 19.61 -8.66
CA PRO A 197 -7.10 19.12 -9.78
C PRO A 197 -6.29 18.95 -11.06
N HIS A 198 -6.26 17.73 -11.58
CA HIS A 198 -5.62 17.36 -12.84
C HIS A 198 -4.11 17.49 -12.81
N ILE A 199 -3.51 17.85 -11.66
CA ILE A 199 -2.06 18.01 -11.56
C ILE A 199 -1.58 17.32 -10.29
N SER A 200 -0.28 17.05 -10.27
CA SER A 200 0.40 16.52 -9.09
C SER A 200 1.59 17.44 -8.79
N CYS A 201 1.57 18.06 -7.62
CA CYS A 201 2.56 19.06 -7.24
C CYS A 201 3.53 18.46 -6.24
N MET A 202 4.82 18.53 -6.55
CA MET A 202 5.87 17.96 -5.71
C MET A 202 6.99 18.96 -5.56
N VAL A 203 7.71 18.83 -4.45
CA VAL A 203 8.91 19.63 -4.19
C VAL A 203 10.05 18.68 -3.87
N PHE A 204 11.22 18.94 -4.45
CA PHE A 204 12.42 18.18 -4.21
C PHE A 204 13.51 19.12 -3.71
N ARG A 205 14.27 18.66 -2.72
CA ARG A 205 15.23 19.49 -2.01
C ARG A 205 16.65 18.99 -2.28
N LYS A 206 17.57 19.93 -2.47
CA LYS A 206 18.99 19.61 -2.60
C LYS A 206 19.54 19.23 -1.23
N ALA A 207 19.51 17.93 -0.91
CA ALA A 207 19.86 17.46 0.42
C ALA A 207 21.22 17.99 0.87
N ILE A 208 21.47 17.96 2.18
CA ILE A 208 22.73 18.47 2.70
C ILE A 208 23.92 17.73 2.09
N SER A 209 23.72 16.48 1.68
CA SER A 209 24.78 15.68 1.07
C SER A 209 24.18 14.85 -0.06
N ARG A 210 24.85 14.86 -1.21
CA ARG A 210 24.43 14.00 -2.31
C ARG A 210 24.63 12.53 -1.96
N GLU A 211 25.77 12.19 -1.35
CA GLU A 211 25.99 10.82 -0.91
C GLU A 211 24.82 10.32 -0.06
N LEU A 212 24.28 11.18 0.81
CA LEU A 212 23.16 10.78 1.65
C LEU A 212 21.95 10.41 0.80
N SER A 213 21.56 11.30 -0.12
CA SER A 213 20.41 11.01 -0.98
C SER A 213 20.65 9.79 -1.85
N GLN A 214 21.88 9.63 -2.35
CA GLN A 214 22.18 8.48 -3.20
C GLN A 214 22.02 7.18 -2.44
N HIS A 215 22.22 7.19 -1.12
CA HIS A 215 22.08 5.98 -0.33
C HIS A 215 20.61 5.68 -0.04
N TRP A 216 19.86 6.67 0.43
CA TRP A 216 18.42 6.51 0.59
C TRP A 216 17.80 5.87 -0.63
N ALA A 217 18.23 6.31 -1.83
CA ALA A 217 17.69 5.75 -3.06
C ALA A 217 18.07 4.28 -3.20
N SER A 218 19.30 3.92 -2.87
CA SER A 218 19.74 2.54 -3.04
C SER A 218 18.88 1.58 -2.20
N ILE A 219 18.49 2.00 -1.01
CA ILE A 219 17.70 1.15 -0.13
C ILE A 219 16.21 1.28 -0.39
N HIS A 220 15.80 2.07 -1.39
CA HIS A 220 14.39 2.25 -1.73
C HIS A 220 14.13 2.00 -3.21
N ARG A 221 14.99 1.22 -3.85
CA ARG A 221 14.79 0.83 -5.25
C ARG A 221 14.04 -0.50 -5.30
N GLU A 222 12.96 -0.54 -6.09
CA GLU A 222 12.08 -1.71 -6.17
C GLU A 222 11.93 -2.11 -7.62
N GLU A 223 12.95 -2.79 -8.15
CA GLU A 223 12.98 -3.32 -9.52
C GLU A 223 11.91 -2.74 -10.45
N ALA B 4 -46.85 -10.67 -2.20
CA ALA B 4 -45.51 -11.11 -2.58
C ALA B 4 -44.47 -10.07 -2.21
N ARG B 5 -43.24 -10.52 -1.97
CA ARG B 5 -42.14 -9.66 -1.55
C ARG B 5 -41.10 -9.58 -2.66
N SER B 6 -40.41 -8.44 -2.71
CA SER B 6 -39.46 -8.16 -3.78
C SER B 6 -38.08 -8.71 -3.43
N ARG B 7 -37.44 -9.31 -4.44
CA ARG B 7 -36.04 -9.72 -4.29
C ARG B 7 -35.15 -8.54 -3.93
N ILE B 8 -35.49 -7.35 -4.43
CA ILE B 8 -34.66 -6.17 -4.17
C ILE B 8 -34.81 -5.74 -2.72
N LYS B 9 -36.03 -5.75 -2.19
CA LYS B 9 -36.24 -5.38 -0.80
C LYS B 9 -35.73 -6.46 0.14
N TRP B 10 -35.80 -7.73 -0.28
CA TRP B 10 -35.23 -8.81 0.51
C TRP B 10 -33.71 -8.69 0.62
N ALA B 11 -33.05 -8.31 -0.48
CA ALA B 11 -31.60 -8.24 -0.48
C ALA B 11 -31.10 -7.05 0.33
N ILE B 12 -31.72 -5.88 0.14
CA ILE B 12 -31.33 -4.71 0.92
C ILE B 12 -31.53 -4.98 2.41
N ASP B 13 -32.59 -5.70 2.75
CA ASP B 13 -32.89 -5.96 4.16
C ASP B 13 -31.85 -6.87 4.79
N TYR B 14 -31.37 -7.88 4.06
CA TYR B 14 -30.35 -8.75 4.63
C TYR B 14 -29.02 -8.02 4.75
N ILE B 15 -28.63 -7.27 3.72
CA ILE B 15 -27.35 -6.56 3.76
C ILE B 15 -27.30 -5.64 4.97
N THR B 16 -28.40 -4.93 5.24
CA THR B 16 -28.47 -4.09 6.43
C THR B 16 -28.36 -4.93 7.70
N LYS B 17 -29.14 -6.01 7.77
CA LYS B 17 -29.08 -6.89 8.94
C LYS B 17 -27.68 -7.47 9.12
N TYR B 18 -27.03 -7.84 8.01
CA TYR B 18 -25.78 -8.57 8.09
C TYR B 18 -24.64 -7.68 8.61
N PHE B 19 -24.64 -6.41 8.21
CA PHE B 19 -23.54 -5.52 8.53
C PHE B 19 -23.87 -4.52 9.63
N PHE B 20 -25.14 -4.18 9.83
CA PHE B 20 -25.52 -3.05 10.68
C PHE B 20 -26.47 -3.44 11.80
N THR B 21 -27.70 -3.83 11.50
CA THR B 21 -28.73 -3.86 12.53
C THR B 21 -28.72 -5.12 13.38
N GLU B 22 -28.20 -6.23 12.85
CA GLU B 22 -28.13 -7.48 13.60
C GLU B 22 -26.71 -8.02 13.72
N GLY B 23 -25.74 -7.39 13.08
CA GLY B 23 -24.35 -7.84 13.21
C GLY B 23 -24.16 -9.30 12.91
N ILE B 24 -24.86 -9.83 11.90
CA ILE B 24 -24.75 -11.25 11.59
C ILE B 24 -23.31 -11.60 11.24
N TYR B 25 -22.55 -10.65 10.68
CA TYR B 25 -21.17 -10.93 10.33
C TYR B 25 -20.35 -11.35 11.55
N LEU B 26 -20.67 -10.82 12.72
CA LEU B 26 -19.98 -11.24 13.94
C LEU B 26 -20.53 -12.56 14.46
N GLN B 27 -21.83 -12.81 14.30
CA GLN B 27 -22.38 -14.09 14.73
C GLN B 27 -21.77 -15.25 13.95
N LYS B 28 -21.64 -15.07 12.63
CA LYS B 28 -21.07 -16.13 11.80
C LYS B 28 -19.58 -16.29 12.04
N ARG B 29 -18.87 -15.20 12.37
CA ARG B 29 -17.47 -15.31 12.72
C ARG B 29 -17.28 -16.27 13.90
N GLN B 30 -18.14 -16.16 14.91
CA GLN B 30 -17.97 -16.95 16.13
C GLN B 30 -18.31 -18.41 15.89
N ARG B 31 -19.28 -18.69 15.02
CA ARG B 31 -19.58 -20.08 14.66
C ARG B 31 -18.41 -20.69 13.91
N GLU B 32 -17.89 -19.99 12.90
CA GLU B 32 -16.79 -20.53 12.10
C GLU B 32 -15.54 -20.73 12.95
N GLN B 33 -15.29 -19.85 13.92
CA GLN B 33 -14.13 -20.05 14.79
C GLN B 33 -14.33 -21.28 15.67
N ARG B 34 -15.55 -21.51 16.14
CA ARG B 34 -15.82 -22.71 16.94
C ARG B 34 -15.79 -23.96 16.08
N LEU B 35 -16.28 -23.86 14.84
CA LEU B 35 -16.17 -24.98 13.91
C LEU B 35 -14.71 -25.32 13.64
N LEU B 36 -13.87 -24.30 13.49
CA LEU B 36 -12.44 -24.55 13.27
C LEU B 36 -11.82 -25.25 14.47
N GLU B 37 -12.14 -24.79 15.68
CA GLU B 37 -11.60 -25.42 16.88
C GLU B 37 -11.96 -26.90 16.92
N SER B 38 -13.22 -27.23 16.60
CA SER B 38 -13.64 -28.62 16.62
C SER B 38 -12.88 -29.44 15.59
N TYR B 39 -12.72 -28.91 14.38
CA TYR B 39 -11.97 -29.64 13.36
C TYR B 39 -10.52 -29.83 13.78
N ARG B 40 -9.90 -28.79 14.35
CA ARG B 40 -8.52 -28.91 14.81
C ARG B 40 -8.40 -29.93 15.93
N ALA B 41 -9.47 -30.12 16.70
CA ALA B 41 -9.46 -31.09 17.79
C ALA B 41 -9.63 -32.52 17.30
N GLU B 42 -10.14 -32.71 16.09
CA GLU B 42 -10.22 -34.04 15.49
C GLU B 42 -9.00 -34.37 14.65
N GLY B 43 -8.03 -33.46 14.57
CA GLY B 43 -6.79 -33.71 13.85
C GLY B 43 -6.83 -33.44 12.36
N LYS B 44 -7.97 -33.00 11.82
CA LYS B 44 -8.11 -32.83 10.38
C LYS B 44 -7.74 -31.44 9.89
N LEU B 45 -7.61 -30.46 10.78
CA LEU B 45 -7.18 -29.13 10.40
C LEU B 45 -6.15 -28.63 11.41
N GLY B 46 -5.28 -27.74 10.95
CA GLY B 46 -4.27 -27.16 11.82
C GLY B 46 -4.12 -25.67 11.59
N GLU B 47 -2.89 -25.20 11.51
CA GLU B 47 -2.63 -23.79 11.20
C GLU B 47 -3.32 -23.40 9.91
N VAL B 48 -4.34 -22.55 10.00
CA VAL B 48 -5.06 -22.05 8.83
C VAL B 48 -5.05 -20.53 8.88
N GLN B 49 -4.83 -19.91 7.72
CA GLN B 49 -4.90 -18.46 7.64
C GLN B 49 -6.33 -17.99 7.84
N CYS B 50 -6.53 -17.09 8.79
CA CYS B 50 -7.82 -16.48 9.06
C CYS B 50 -7.73 -14.99 8.79
N ARG B 51 -8.62 -14.48 7.96
CA ARG B 51 -8.71 -13.05 7.66
C ARG B 51 -10.10 -12.57 8.04
N LEU B 52 -10.15 -11.55 8.88
CA LEU B 52 -11.40 -11.02 9.42
C LEU B 52 -11.65 -9.61 8.88
N MET B 53 -12.90 -9.20 8.98
CA MET B 53 -13.33 -7.88 8.52
C MET B 53 -13.33 -6.90 9.69
N GLU B 54 -13.08 -5.64 9.36
CA GLU B 54 -13.17 -4.56 10.34
C GLU B 54 -14.63 -4.13 10.49
N GLU B 55 -14.86 -3.15 11.36
CA GLU B 55 -16.21 -2.64 11.52
C GLU B 55 -16.73 -2.15 10.17
N PRO B 56 -17.88 -2.63 9.70
CA PRO B 56 -18.37 -2.22 8.38
C PRO B 56 -18.43 -0.72 8.25
N PRO B 57 -17.99 -0.17 7.12
CA PRO B 57 -18.13 1.29 6.92
C PRO B 57 -19.59 1.69 6.89
N ASP B 58 -19.82 2.99 7.01
CA ASP B 58 -21.18 3.51 6.93
C ASP B 58 -21.74 3.42 5.52
N ARG B 59 -20.88 3.37 4.51
CA ARG B 59 -21.28 3.20 3.11
C ARG B 59 -20.60 1.94 2.58
N LEU B 60 -21.38 0.87 2.40
CA LEU B 60 -20.83 -0.37 1.89
C LEU B 60 -20.56 -0.26 0.39
N HIS B 61 -19.50 -0.94 -0.05
CA HIS B 61 -19.15 -1.03 -1.47
C HIS B 61 -19.83 -2.26 -2.04
N VAL B 62 -20.83 -2.05 -2.90
CA VAL B 62 -21.64 -3.13 -3.44
C VAL B 62 -21.46 -3.19 -4.94
N LEU B 63 -21.27 -4.40 -5.46
CA LEU B 63 -21.13 -4.67 -6.89
C LEU B 63 -22.36 -5.42 -7.36
N ASP B 64 -23.10 -4.82 -8.30
CA ASP B 64 -24.34 -5.39 -8.82
C ASP B 64 -24.06 -5.87 -10.25
N VAL B 65 -23.80 -7.17 -10.39
CA VAL B 65 -23.41 -7.77 -11.66
C VAL B 65 -24.65 -8.30 -12.35
N GLY B 66 -24.83 -7.94 -13.61
CA GLY B 66 -26.09 -8.19 -14.29
C GLY B 66 -27.19 -7.32 -13.72
N SER B 67 -26.88 -6.05 -13.50
CA SER B 67 -27.76 -5.15 -12.75
C SER B 67 -28.94 -4.66 -13.57
N CYS B 68 -28.74 -4.50 -14.88
CA CYS B 68 -29.80 -4.05 -15.79
C CYS B 68 -30.15 -2.58 -15.58
N PHE B 69 -30.72 -2.22 -14.43
CA PHE B 69 -31.19 -0.86 -14.21
C PHE B 69 -30.75 -0.28 -12.86
N ASN B 70 -29.80 -0.91 -12.18
CA ASN B 70 -29.23 -0.40 -10.93
C ASN B 70 -30.30 -0.17 -9.87
N PRO B 71 -31.10 -1.17 -9.53
CA PRO B 71 -32.12 -0.97 -8.48
C PRO B 71 -31.54 -0.62 -7.11
N PHE B 72 -30.33 -1.08 -6.79
CA PHE B 72 -29.79 -0.96 -5.44
C PHE B 72 -29.11 0.38 -5.18
N SER B 73 -28.99 1.25 -6.18
CA SER B 73 -28.23 2.48 -6.00
C SER B 73 -28.91 3.42 -5.00
N SER B 74 -30.25 3.45 -5.00
CA SER B 74 -30.98 4.39 -4.15
C SER B 74 -30.90 4.03 -2.67
N ALA B 75 -30.63 2.78 -2.33
CA ALA B 75 -30.64 2.37 -0.94
C ALA B 75 -29.56 3.12 -0.15
N PRO B 76 -29.81 3.42 1.11
CA PRO B 76 -28.80 4.13 1.91
C PRO B 76 -27.75 3.20 2.48
N HIS B 77 -26.54 3.73 2.63
CA HIS B 77 -25.35 2.99 3.06
C HIS B 77 -24.81 2.09 1.97
N LEU B 78 -25.38 2.12 0.76
CA LEU B 78 -24.98 1.26 -0.35
C LEU B 78 -24.37 2.13 -1.45
N GLU B 79 -23.07 2.02 -1.63
CA GLU B 79 -22.38 2.65 -2.77
C GLU B 79 -22.25 1.57 -3.84
N VAL B 80 -23.20 1.55 -4.77
CA VAL B 80 -23.36 0.45 -5.70
C VAL B 80 -22.59 0.73 -6.98
N THR B 81 -21.94 -0.30 -7.51
CA THR B 81 -21.29 -0.28 -8.81
C THR B 81 -22.01 -1.30 -9.68
N ALA B 82 -22.69 -0.83 -10.72
CA ALA B 82 -23.59 -1.65 -11.52
C ALA B 82 -22.95 -1.99 -12.85
N LEU B 83 -22.91 -3.28 -13.17
CA LEU B 83 -22.37 -3.79 -14.42
C LEU B 83 -23.45 -4.60 -15.14
N ASP B 84 -23.38 -4.60 -16.48
CA ASP B 84 -24.32 -5.40 -17.27
C ASP B 84 -23.78 -5.55 -18.69
N LEU B 85 -24.12 -6.68 -19.30
CA LEU B 85 -23.74 -6.92 -20.69
C LEU B 85 -24.54 -6.03 -21.64
N CYS B 86 -25.81 -5.81 -21.32
CA CYS B 86 -26.71 -4.97 -22.12
C CYS B 86 -27.39 -3.99 -21.18
N PRO B 87 -26.70 -2.92 -20.79
CA PRO B 87 -27.29 -2.01 -19.80
C PRO B 87 -28.56 -1.37 -20.31
N ALA B 88 -29.57 -1.32 -19.43
CA ALA B 88 -30.84 -0.70 -19.77
C ALA B 88 -30.95 0.75 -19.27
N THR B 89 -29.95 1.22 -18.51
CA THR B 89 -29.97 2.57 -17.98
C THR B 89 -28.56 3.15 -18.02
N GLU B 90 -28.48 4.48 -18.13
CA GLU B 90 -27.20 5.13 -18.35
C GLU B 90 -26.27 5.04 -17.14
N ASP B 91 -26.81 4.78 -15.94
CA ASP B 91 -25.97 4.68 -14.76
C ASP B 91 -25.26 3.34 -14.66
N VAL B 92 -25.64 2.36 -15.47
CA VAL B 92 -25.05 1.02 -15.43
C VAL B 92 -23.92 0.94 -16.45
N LEU B 93 -22.83 0.29 -16.06
CA LEU B 93 -21.67 0.14 -16.93
C LEU B 93 -21.82 -1.10 -17.80
N GLN B 94 -21.18 -1.05 -18.97
CA GLN B 94 -21.18 -2.19 -19.88
C GLN B 94 -20.03 -3.12 -19.54
N ALA B 95 -20.31 -4.42 -19.55
CA ALA B 95 -19.27 -5.39 -19.21
C ALA B 95 -19.77 -6.80 -19.48
N ASP B 96 -18.83 -7.66 -19.86
CA ASP B 96 -19.01 -9.11 -19.84
C ASP B 96 -18.24 -9.60 -18.63
N PHE B 97 -18.96 -9.88 -17.53
CA PHE B 97 -18.30 -10.30 -16.29
C PHE B 97 -17.34 -11.45 -16.53
N LEU B 98 -17.64 -12.32 -17.49
CA LEU B 98 -16.78 -13.46 -17.74
C LEU B 98 -15.40 -13.05 -18.26
N LYS B 99 -15.25 -11.82 -18.76
CA LYS B 99 -13.99 -11.33 -19.29
C LYS B 99 -13.33 -10.32 -18.38
N VAL B 100 -13.90 -10.07 -17.20
CA VAL B 100 -13.32 -9.11 -16.26
C VAL B 100 -12.24 -9.80 -15.44
N GLU B 101 -11.16 -9.08 -15.18
CA GLU B 101 -10.07 -9.55 -14.35
C GLU B 101 -10.11 -8.82 -13.01
N VAL B 102 -9.93 -9.57 -11.93
CA VAL B 102 -9.90 -9.00 -10.58
C VAL B 102 -8.43 -8.67 -10.26
N VAL B 103 -8.15 -7.40 -10.09
CA VAL B 103 -6.78 -6.89 -9.98
C VAL B 103 -6.56 -6.42 -8.54
N PRO B 104 -5.47 -6.83 -7.89
CA PRO B 104 -5.12 -6.21 -6.60
C PRO B 104 -4.37 -4.90 -6.83
N GLY B 105 -4.61 -3.94 -5.94
CA GLY B 105 -3.91 -2.67 -5.98
C GLY B 105 -4.62 -1.55 -6.72
N ILE B 106 -5.86 -1.74 -7.15
CA ILE B 106 -6.63 -0.69 -7.80
C ILE B 106 -7.82 -0.35 -6.91
N ARG B 107 -8.39 0.83 -7.15
CA ARG B 107 -9.47 1.35 -6.32
C ARG B 107 -10.82 1.40 -7.02
N GLU B 108 -10.86 1.52 -8.33
CA GLU B 108 -12.10 1.67 -9.07
C GLU B 108 -12.00 0.89 -10.38
N PRO B 109 -13.13 0.59 -11.01
CA PRO B 109 -13.10 -0.15 -12.27
C PRO B 109 -12.30 0.59 -13.33
N GLU B 110 -11.58 -0.18 -14.15
CA GLU B 110 -10.81 0.36 -15.27
C GLU B 110 -11.45 -0.13 -16.56
N LEU B 111 -11.86 0.81 -17.40
CA LEU B 111 -12.61 0.51 -18.62
C LEU B 111 -11.71 0.70 -19.83
N GLU B 112 -11.98 -0.09 -20.87
CA GLU B 112 -11.28 0.02 -22.14
C GLU B 112 -12.30 -0.07 -23.26
N GLU B 113 -12.42 1.00 -24.05
CA GLU B 113 -13.36 1.04 -25.18
C GLU B 113 -14.80 0.95 -24.68
N GLY B 114 -15.08 1.56 -23.53
CA GLY B 114 -16.41 1.61 -22.98
C GLY B 114 -16.80 0.42 -22.14
N SER B 115 -16.02 -0.65 -22.16
CA SER B 115 -16.32 -1.88 -21.42
C SER B 115 -15.40 -1.99 -20.22
N VAL B 116 -15.95 -2.42 -19.08
CA VAL B 116 -15.13 -2.66 -17.91
C VAL B 116 -14.27 -3.90 -18.16
N ARG B 117 -12.96 -3.76 -17.97
CA ARG B 117 -12.03 -4.87 -18.10
C ARG B 117 -11.38 -5.27 -16.79
N ARG B 118 -11.36 -4.39 -15.79
CA ARG B 118 -10.70 -4.64 -14.52
C ARG B 118 -11.58 -4.20 -13.37
N LEU B 119 -11.56 -4.98 -12.29
CA LEU B 119 -12.27 -4.63 -11.08
C LEU B 119 -11.35 -4.81 -9.87
N PRO B 120 -11.49 -3.97 -8.85
CA PRO B 120 -10.58 -4.06 -7.70
C PRO B 120 -10.82 -5.33 -6.89
N ALA B 121 -9.73 -5.99 -6.53
CA ALA B 121 -9.79 -7.19 -5.69
C ALA B 121 -9.95 -6.81 -4.22
N SER B 122 -10.62 -7.68 -3.48
CA SER B 122 -10.82 -7.52 -2.05
C SER B 122 -11.20 -6.07 -1.72
N HIS B 123 -12.33 -5.67 -2.30
CA HIS B 123 -12.78 -4.28 -2.26
C HIS B 123 -14.25 -4.12 -1.94
N TYR B 124 -15.09 -5.12 -2.19
CA TYR B 124 -16.53 -5.02 -2.05
C TYR B 124 -16.99 -5.79 -0.83
N GLU B 125 -17.85 -5.17 -0.02
CA GLU B 125 -18.49 -5.88 1.07
C GLU B 125 -19.59 -6.81 0.59
N CYS B 126 -20.17 -6.54 -0.59
CA CYS B 126 -21.27 -7.35 -1.10
C CYS B 126 -21.22 -7.39 -2.61
N VAL B 127 -21.29 -8.59 -3.18
CA VAL B 127 -21.49 -8.82 -4.60
C VAL B 127 -22.87 -9.43 -4.77
N ILE B 128 -23.63 -8.95 -5.76
CA ILE B 128 -25.01 -9.35 -5.96
C ILE B 128 -25.13 -10.01 -7.34
N PHE B 129 -25.60 -11.26 -7.35
CA PHE B 129 -25.94 -12.01 -8.56
C PHE B 129 -27.44 -12.27 -8.53
N SER B 130 -28.24 -11.31 -9.00
CA SER B 130 -29.71 -11.41 -8.96
C SER B 130 -30.21 -11.89 -10.31
N LEU B 131 -30.52 -13.19 -10.41
CA LEU B 131 -31.06 -13.78 -11.63
C LEU B 131 -30.10 -13.60 -12.80
N LEU B 132 -28.83 -13.90 -12.52
CA LEU B 132 -27.74 -13.75 -13.48
C LEU B 132 -27.21 -15.08 -13.98
N LEU B 133 -26.99 -16.02 -13.06
CA LEU B 133 -26.28 -17.26 -13.37
C LEU B 133 -27.12 -18.24 -14.18
N GLU B 134 -28.45 -18.16 -14.08
CA GLU B 134 -29.29 -18.98 -14.94
C GLU B 134 -29.05 -18.67 -16.41
N TYR B 135 -28.77 -17.41 -16.74
CA TYR B 135 -28.50 -17.04 -18.12
C TYR B 135 -27.18 -17.63 -18.61
N MET B 136 -26.23 -17.85 -17.71
CA MET B 136 -24.93 -18.36 -18.13
C MET B 136 -25.09 -19.74 -18.75
N PRO B 137 -24.44 -20.03 -19.88
CA PRO B 137 -24.70 -21.30 -20.58
C PRO B 137 -24.19 -22.52 -19.83
N SER B 138 -22.94 -22.50 -19.37
CA SER B 138 -22.29 -23.66 -18.81
C SER B 138 -22.17 -23.55 -17.30
N ALA B 139 -22.26 -24.69 -16.62
CA ALA B 139 -21.97 -24.75 -15.20
C ALA B 139 -20.54 -24.29 -14.92
N GLU B 140 -19.62 -24.57 -15.84
CA GLU B 140 -18.25 -24.11 -15.67
C GLU B 140 -18.18 -22.60 -15.57
N GLN B 141 -18.99 -21.90 -16.38
CA GLN B 141 -18.96 -20.44 -16.38
C GLN B 141 -19.74 -19.86 -15.20
N ARG B 142 -20.76 -20.58 -14.72
CA ARG B 142 -21.45 -20.15 -13.50
C ARG B 142 -20.49 -20.15 -12.32
N LEU B 143 -19.69 -21.22 -12.19
CA LEU B 143 -18.74 -21.28 -11.10
C LEU B 143 -17.66 -20.20 -11.24
N GLN B 144 -17.24 -19.93 -12.48
CA GLN B 144 -16.25 -18.88 -12.69
C GLN B 144 -16.71 -17.56 -12.08
N CYS B 145 -17.96 -17.17 -12.35
CA CYS B 145 -18.51 -15.95 -11.77
C CYS B 145 -18.33 -15.94 -10.25
N CYS B 146 -18.69 -17.05 -9.60
CA CYS B 146 -18.59 -17.12 -8.15
C CYS B 146 -17.13 -17.05 -7.69
N LEU B 147 -16.22 -17.64 -8.46
CA LEU B 147 -14.80 -17.54 -8.14
C LEU B 147 -14.31 -16.09 -8.25
N GLN B 148 -14.78 -15.37 -9.27
CA GLN B 148 -14.45 -13.95 -9.37
C GLN B 148 -15.11 -13.15 -8.25
N ALA B 149 -16.32 -13.55 -7.85
CA ALA B 149 -16.98 -12.88 -6.72
C ALA B 149 -16.16 -13.03 -5.45
N TYR B 150 -15.63 -14.23 -5.20
CA TYR B 150 -14.83 -14.45 -4.00
C TYR B 150 -13.59 -13.57 -4.00
N ASP B 151 -12.91 -13.47 -5.14
CA ASP B 151 -11.73 -12.62 -5.22
C ASP B 151 -12.09 -11.14 -5.05
N LEU B 152 -13.31 -10.75 -5.40
CA LEU B 152 -13.72 -9.36 -5.30
C LEU B 152 -14.21 -8.98 -3.90
N LEU B 153 -14.64 -9.96 -3.11
CA LEU B 153 -15.18 -9.67 -1.78
C LEU B 153 -14.06 -9.39 -0.79
N LEU B 154 -14.36 -8.51 0.17
CA LEU B 154 -13.53 -8.38 1.35
C LEU B 154 -13.76 -9.58 2.26
N PRO B 155 -12.81 -9.90 3.15
CA PRO B 155 -13.05 -10.94 4.14
C PRO B 155 -14.42 -10.78 4.78
N GLU B 156 -15.10 -11.91 4.98
CA GLU B 156 -16.42 -11.96 5.59
C GLU B 156 -17.48 -11.18 4.82
N GLY B 157 -17.17 -10.76 3.60
CA GLY B 157 -18.20 -10.22 2.72
C GLY B 157 -19.18 -11.30 2.32
N ILE B 158 -20.25 -10.87 1.64
CA ILE B 158 -21.35 -11.77 1.30
C ILE B 158 -21.63 -11.71 -0.19
N LEU B 159 -21.96 -12.87 -0.76
CA LEU B 159 -22.48 -12.97 -2.12
C LEU B 159 -23.97 -13.27 -2.05
N VAL B 160 -24.78 -12.36 -2.58
CA VAL B 160 -26.22 -12.55 -2.66
C VAL B 160 -26.54 -13.26 -3.96
N LEU B 161 -27.24 -14.39 -3.87
CA LEU B 161 -27.51 -15.25 -5.02
C LEU B 161 -29.01 -15.50 -5.09
N ILE B 162 -29.66 -14.91 -6.10
CA ILE B 162 -31.09 -15.08 -6.33
C ILE B 162 -31.26 -15.83 -7.64
N THR B 163 -32.04 -16.90 -7.61
CA THR B 163 -32.18 -17.82 -8.72
C THR B 163 -33.66 -18.16 -8.90
N PRO B 164 -34.06 -18.58 -10.10
CA PRO B 164 -35.46 -18.95 -10.32
C PRO B 164 -35.74 -20.40 -9.95
N ASP B 165 -37.03 -20.69 -9.78
CA ASP B 165 -37.49 -22.02 -9.40
C ASP B 165 -37.40 -22.99 -10.57
N ALA B 173 -34.59 -29.36 -2.48
CA ALA B 173 -33.86 -29.49 -3.74
C ALA B 173 -32.43 -29.94 -3.49
N HIS B 174 -32.05 -31.07 -4.10
CA HIS B 174 -30.68 -31.52 -4.02
C HIS B 174 -29.73 -30.61 -4.79
N LEU B 175 -30.25 -29.70 -5.62
CA LEU B 175 -29.38 -28.76 -6.32
C LEU B 175 -28.84 -27.71 -5.35
N MET B 176 -29.69 -27.20 -4.46
CA MET B 176 -29.22 -26.26 -3.46
C MET B 176 -28.18 -26.90 -2.56
N LYS B 177 -28.35 -28.18 -2.23
CA LYS B 177 -27.34 -28.88 -1.45
C LYS B 177 -26.04 -29.00 -2.23
N ASN B 178 -26.12 -29.17 -3.55
CA ASN B 178 -24.92 -29.24 -4.37
C ASN B 178 -24.29 -27.87 -4.54
N TRP B 179 -25.11 -26.85 -4.78
CA TRP B 179 -24.59 -25.49 -4.86
C TRP B 179 -23.90 -25.09 -3.55
N ARG B 180 -24.48 -25.49 -2.43
CA ARG B 180 -23.84 -25.22 -1.14
C ARG B 180 -22.49 -25.93 -1.05
N TYR B 181 -22.43 -27.19 -1.48
CA TYR B 181 -21.15 -27.90 -1.46
C TYR B 181 -20.15 -27.27 -2.41
N SER B 182 -20.57 -26.98 -3.64
CA SER B 182 -19.65 -26.45 -4.64
C SER B 182 -19.13 -25.09 -4.24
N LEU B 183 -20.00 -24.24 -3.67
CA LEU B 183 -19.55 -22.92 -3.24
C LEU B 183 -18.72 -22.99 -1.96
N ALA B 184 -18.95 -23.99 -1.11
CA ALA B 184 -18.11 -24.16 0.07
C ALA B 184 -16.71 -24.62 -0.32
N ARG B 185 -16.56 -25.31 -1.46
CA ARG B 185 -15.24 -25.74 -1.89
C ARG B 185 -14.38 -24.58 -2.36
N ILE B 186 -14.99 -23.44 -2.71
CA ILE B 186 -14.23 -22.27 -3.16
C ILE B 186 -14.13 -21.21 -2.08
N GLY B 187 -14.58 -21.51 -0.86
CA GLY B 187 -14.44 -20.61 0.26
C GLY B 187 -15.70 -19.87 0.65
N LEU B 188 -16.85 -20.23 0.11
CA LEU B 188 -18.10 -19.51 0.36
C LEU B 188 -19.08 -20.45 1.05
N LEU B 189 -19.48 -20.10 2.27
CA LEU B 189 -20.42 -20.88 3.06
C LEU B 189 -21.77 -20.16 3.10
N ARG B 190 -22.84 -20.90 2.89
CA ARG B 190 -24.17 -20.31 2.91
C ARG B 190 -24.54 -19.85 4.31
N VAL B 191 -25.15 -18.67 4.39
CA VAL B 191 -25.59 -18.11 5.67
C VAL B 191 -27.08 -17.80 5.70
N ARG B 192 -27.77 -17.85 4.57
CA ARG B 192 -29.20 -17.59 4.54
C ARG B 192 -29.81 -18.22 3.30
N PHE B 193 -30.94 -18.91 3.48
CA PHE B 193 -31.73 -19.43 2.39
C PHE B 193 -33.18 -19.13 2.70
N GLU B 194 -33.89 -18.54 1.72
CA GLU B 194 -35.27 -18.14 1.91
C GLU B 194 -35.96 -18.22 0.57
N LYS B 195 -37.20 -18.72 0.57
CA LYS B 195 -37.97 -18.88 -0.65
C LYS B 195 -38.98 -17.73 -0.76
N LEU B 196 -38.84 -16.96 -1.84
CA LEU B 196 -39.79 -15.92 -2.21
C LEU B 196 -40.56 -16.37 -3.45
N PRO B 197 -41.67 -15.70 -3.77
CA PRO B 197 -42.50 -16.16 -4.90
C PRO B 197 -41.70 -16.28 -6.18
N HIS B 198 -41.62 -17.51 -6.69
CA HIS B 198 -41.00 -17.87 -7.96
C HIS B 198 -39.48 -17.78 -7.94
N ILE B 199 -38.86 -17.43 -6.82
CA ILE B 199 -37.41 -17.29 -6.74
C ILE B 199 -36.90 -17.96 -5.46
N SER B 200 -35.60 -18.24 -5.46
CA SER B 200 -34.92 -18.78 -4.30
C SER B 200 -33.76 -17.86 -3.97
N CYS B 201 -33.77 -17.29 -2.77
CA CYS B 201 -32.81 -16.27 -2.36
C CYS B 201 -31.80 -16.87 -1.38
N MET B 202 -30.52 -16.69 -1.68
CA MET B 202 -29.44 -17.22 -0.87
C MET B 202 -28.40 -16.14 -0.62
N VAL B 203 -27.65 -16.30 0.46
CA VAL B 203 -26.48 -15.47 0.75
C VAL B 203 -25.34 -16.39 1.13
N PHE B 204 -24.18 -16.17 0.53
CA PHE B 204 -22.97 -16.92 0.84
C PHE B 204 -21.92 -15.95 1.37
N ARG B 205 -21.17 -16.40 2.37
CA ARG B 205 -20.20 -15.57 3.07
C ARG B 205 -18.79 -16.02 2.76
N LYS B 206 -17.88 -15.07 2.63
CA LYS B 206 -16.46 -15.36 2.48
C LYS B 206 -15.93 -15.73 3.87
N ALA B 207 -15.81 -17.03 4.12
CA ALA B 207 -15.45 -17.51 5.44
C ALA B 207 -14.12 -16.89 5.89
N ILE B 208 -13.91 -16.91 7.20
CA ILE B 208 -12.66 -16.40 7.76
C ILE B 208 -11.46 -17.12 7.15
N SER B 209 -11.64 -18.37 6.75
CA SER B 209 -10.58 -19.17 6.16
C SER B 209 -11.16 -20.02 5.04
N ARG B 210 -10.45 -20.05 3.90
CA ARG B 210 -10.92 -20.88 2.79
C ARG B 210 -10.72 -22.36 3.10
N GLU B 211 -9.59 -22.72 3.69
CA GLU B 211 -9.38 -24.11 4.09
C GLU B 211 -10.50 -24.59 5.00
N LEU B 212 -10.94 -23.73 5.92
CA LEU B 212 -12.07 -24.10 6.79
C LEU B 212 -13.30 -24.44 5.94
N SER B 213 -13.63 -23.59 4.98
CA SER B 213 -14.81 -23.83 4.15
C SER B 213 -14.64 -25.09 3.31
N GLN B 214 -13.44 -25.29 2.75
CA GLN B 214 -13.21 -26.49 1.94
C GLN B 214 -13.39 -27.76 2.75
N HIS B 215 -13.04 -27.73 4.05
CA HIS B 215 -13.17 -28.92 4.86
C HIS B 215 -14.63 -29.20 5.21
N TRP B 216 -15.39 -28.16 5.56
CA TRP B 216 -16.84 -28.33 5.73
C TRP B 216 -17.44 -29.02 4.51
N ALA B 217 -16.96 -28.67 3.31
CA ALA B 217 -17.53 -29.24 2.10
C ALA B 217 -17.15 -30.71 1.93
N SER B 218 -15.90 -31.06 2.24
CA SER B 218 -15.46 -32.44 2.09
C SER B 218 -16.30 -33.38 2.95
N ILE B 219 -16.67 -32.94 4.16
CA ILE B 219 -17.46 -33.78 5.05
C ILE B 219 -18.95 -33.71 4.77
N HIS B 220 -19.38 -32.84 3.85
CA HIS B 220 -20.79 -32.69 3.52
C HIS B 220 -21.07 -33.00 2.05
N ARG B 221 -20.15 -33.69 1.37
CA ARG B 221 -20.38 -34.10 -0.01
C ARG B 221 -21.23 -35.36 -0.05
N GLU B 222 -22.12 -35.43 -1.03
CA GLU B 222 -23.01 -36.58 -1.22
C GLU B 222 -22.98 -36.99 -2.70
N GLU B 223 -22.26 -38.07 -3.00
CA GLU B 223 -22.27 -38.64 -4.35
C GLU B 223 -22.00 -37.56 -5.40
N SER C 6 19.43 21.18 29.19
CA SER C 6 18.53 20.52 30.14
C SER C 6 17.26 20.03 29.46
N ARG C 7 16.75 18.89 29.92
CA ARG C 7 15.50 18.37 29.38
C ARG C 7 14.32 19.27 29.72
N ILE C 8 14.34 19.91 30.89
CA ILE C 8 13.21 20.73 31.31
C ILE C 8 13.02 21.89 30.34
N LYS C 9 14.12 22.58 30.02
CA LYS C 9 14.02 23.75 29.14
C LYS C 9 13.70 23.31 27.71
N TRP C 10 14.26 22.19 27.27
CA TRP C 10 13.93 21.68 25.94
C TRP C 10 12.43 21.43 25.82
N ALA C 11 11.81 20.87 26.86
CA ALA C 11 10.37 20.64 26.83
C ALA C 11 9.61 21.95 26.84
N ILE C 12 9.98 22.87 27.73
CA ILE C 12 9.32 24.17 27.79
C ILE C 12 9.43 24.88 26.45
N ASP C 13 10.59 24.77 25.80
CA ASP C 13 10.80 25.45 24.54
C ASP C 13 9.95 24.86 23.42
N TYR C 14 9.77 23.53 23.42
CA TYR C 14 9.01 22.92 22.35
C TYR C 14 7.51 23.19 22.50
N ILE C 15 6.99 23.12 23.73
CA ILE C 15 5.56 23.32 23.94
C ILE C 15 5.15 24.70 23.47
N THR C 16 5.99 25.71 23.71
CA THR C 16 5.71 27.05 23.21
C THR C 16 5.71 27.08 21.69
N LYS C 17 6.75 26.50 21.07
CA LYS C 17 6.80 26.43 19.62
C LYS C 17 5.60 25.67 19.06
N TYR C 18 5.24 24.56 19.70
CA TYR C 18 4.18 23.72 19.17
C TYR C 18 2.84 24.45 19.14
N PHE C 19 2.53 25.20 20.20
CA PHE C 19 1.20 25.78 20.37
C PHE C 19 1.12 27.25 19.98
N PHE C 20 2.22 28.01 20.06
CA PHE C 20 2.15 29.47 19.99
C PHE C 20 3.05 30.04 18.89
N THR C 21 4.37 30.01 19.06
CA THR C 21 5.25 30.84 18.25
C THR C 21 5.52 30.27 16.87
N GLU C 22 5.40 28.96 16.69
CA GLU C 22 5.56 28.33 15.39
C GLU C 22 4.31 27.62 14.91
N GLY C 23 3.27 27.50 15.74
CA GLY C 23 2.06 26.80 15.37
C GLY C 23 2.30 25.45 14.73
N ILE C 24 3.20 24.64 15.32
CA ILE C 24 3.46 23.32 14.76
C ILE C 24 2.22 22.46 14.82
N TYR C 25 1.34 22.69 15.81
CA TYR C 25 0.10 21.93 15.88
C TYR C 25 -0.76 22.15 14.65
N LEU C 26 -0.65 23.31 14.01
CA LEU C 26 -1.37 23.54 12.77
C LEU C 26 -0.64 22.95 11.56
N GLN C 27 0.69 22.94 11.58
CA GLN C 27 1.44 22.31 10.48
C GLN C 27 1.21 20.81 10.46
N LYS C 28 1.21 20.17 11.63
CA LYS C 28 1.04 18.72 11.68
C LYS C 28 -0.40 18.32 11.39
N ARG C 29 -1.36 19.19 11.67
CA ARG C 29 -2.71 18.96 11.20
C ARG C 29 -2.75 18.82 9.69
N GLN C 30 -2.10 19.76 8.99
CA GLN C 30 -2.10 19.73 7.53
C GLN C 30 -1.37 18.51 7.01
N ARG C 31 -0.26 18.12 7.66
CA ARG C 31 0.45 16.93 7.22
C ARG C 31 -0.37 15.67 7.47
N GLU C 32 -1.20 15.65 8.52
CA GLU C 32 -2.09 14.52 8.74
C GLU C 32 -3.29 14.55 7.82
N GLN C 33 -3.76 15.75 7.45
CA GLN C 33 -4.89 15.84 6.54
C GLN C 33 -4.51 15.45 5.11
N ARG C 34 -3.23 15.60 4.75
CA ARG C 34 -2.77 15.14 3.45
C ARG C 34 -2.36 13.67 3.48
N LEU C 35 -1.98 13.15 4.65
CA LEU C 35 -1.78 11.70 4.78
C LEU C 35 -3.12 10.98 4.74
N LEU C 36 -4.18 11.63 5.24
CA LEU C 36 -5.51 11.02 5.20
C LEU C 36 -6.06 10.98 3.78
N GLU C 37 -5.80 12.03 2.99
CA GLU C 37 -6.26 12.04 1.61
C GLU C 37 -5.54 10.99 0.78
N SER C 38 -4.23 10.84 0.97
CA SER C 38 -3.48 9.80 0.28
C SER C 38 -4.09 8.43 0.55
N TYR C 39 -4.32 8.11 1.82
CA TYR C 39 -4.93 6.84 2.17
C TYR C 39 -6.31 6.70 1.54
N ARG C 40 -7.15 7.74 1.67
CA ARG C 40 -8.50 7.65 1.13
C ARG C 40 -8.49 7.47 -0.38
N ALA C 41 -7.55 8.14 -1.06
CA ALA C 41 -7.50 8.03 -2.51
C ALA C 41 -7.25 6.59 -2.96
N GLU C 42 -6.35 5.89 -2.27
CA GLU C 42 -6.14 4.47 -2.51
C GLU C 42 -7.22 3.60 -1.87
N GLY C 43 -8.32 4.21 -1.44
CA GLY C 43 -9.48 3.44 -0.98
C GLY C 43 -9.21 2.53 0.20
N LYS C 44 -8.38 2.98 1.14
CA LYS C 44 -8.14 2.23 2.37
C LYS C 44 -8.72 2.94 3.59
N LEU C 45 -9.56 3.95 3.38
CA LEU C 45 -10.25 4.63 4.47
C LEU C 45 -11.51 5.26 3.87
N GLY C 46 -11.94 6.41 4.40
CA GLY C 46 -13.00 7.13 3.73
C GLY C 46 -13.83 8.06 4.60
N GLU C 47 -14.20 7.62 5.81
CA GLU C 47 -15.14 8.37 6.62
C GLU C 47 -14.70 8.46 8.08
N VAL C 48 -13.38 8.41 8.34
CA VAL C 48 -12.91 8.57 9.70
C VAL C 48 -13.29 9.96 10.20
N GLN C 49 -13.68 10.03 11.47
CA GLN C 49 -14.10 11.29 12.08
C GLN C 49 -12.90 12.01 12.66
N CYS C 50 -12.70 13.27 12.23
CA CYS C 50 -11.57 14.07 12.66
C CYS C 50 -11.99 14.98 13.82
N ARG C 51 -11.17 15.02 14.86
CA ARG C 51 -11.40 15.87 16.02
C ARG C 51 -10.25 16.86 16.11
N LEU C 52 -10.57 18.15 16.14
CA LEU C 52 -9.57 19.20 16.05
C LEU C 52 -9.58 20.06 17.31
N MET C 53 -8.42 20.64 17.62
CA MET C 53 -8.27 21.54 18.73
C MET C 53 -8.63 22.96 18.31
N GLU C 54 -9.30 23.68 19.21
CA GLU C 54 -9.54 25.10 19.00
C GLU C 54 -8.28 25.88 19.36
N GLU C 55 -8.31 27.18 19.14
CA GLU C 55 -7.16 28.02 19.42
C GLU C 55 -6.73 27.84 20.88
N PRO C 56 -5.50 27.43 21.16
CA PRO C 56 -5.11 27.18 22.55
C PRO C 56 -5.04 28.48 23.33
N PRO C 57 -5.42 28.47 24.61
CA PRO C 57 -5.31 29.69 25.43
C PRO C 57 -3.87 29.99 25.76
N ASP C 58 -3.66 31.20 26.30
CA ASP C 58 -2.31 31.62 26.67
C ASP C 58 -1.76 30.84 27.86
N ARG C 59 -2.63 30.23 28.67
CA ARG C 59 -2.22 29.38 29.78
C ARG C 59 -2.69 27.96 29.49
N LEU C 60 -1.75 27.08 29.17
CA LEU C 60 -2.07 25.71 28.81
C LEU C 60 -2.23 24.85 30.07
N HIS C 61 -3.10 23.85 29.97
CA HIS C 61 -3.30 22.89 31.06
C HIS C 61 -2.36 21.70 30.84
N VAL C 62 -1.38 21.56 31.72
CA VAL C 62 -0.31 20.59 31.57
C VAL C 62 -0.39 19.59 32.71
N LEU C 63 -0.16 18.31 32.40
CA LEU C 63 -0.13 17.23 33.37
C LEU C 63 1.28 16.65 33.41
N ASP C 64 1.90 16.69 34.58
CA ASP C 64 3.27 16.24 34.78
C ASP C 64 3.24 15.00 35.67
N VAL C 65 3.42 13.83 35.06
CA VAL C 65 3.35 12.56 35.77
C VAL C 65 4.76 12.13 36.15
N GLY C 66 4.95 11.79 37.43
CA GLY C 66 6.29 11.54 37.93
C GLY C 66 7.09 12.83 38.02
N SER C 67 6.46 13.91 38.47
CA SER C 67 7.09 15.23 38.43
C SER C 67 8.22 15.36 39.44
N CYS C 68 8.09 14.69 40.60
CA CYS C 68 9.04 14.81 41.69
C CYS C 68 8.95 16.17 42.38
N PHE C 69 9.28 17.25 41.65
CA PHE C 69 9.38 18.56 42.27
C PHE C 69 8.76 19.68 41.44
N ASN C 70 7.84 19.37 40.53
CA ASN C 70 7.12 20.38 39.76
C ASN C 70 8.07 21.34 39.04
N PRO C 71 8.96 20.82 38.18
CA PRO C 71 9.90 21.72 37.48
C PRO C 71 9.22 22.65 36.48
N PHE C 72 8.13 22.23 35.87
CA PHE C 72 7.50 23.01 34.80
C PHE C 72 6.54 24.07 35.32
N SER C 73 6.29 24.13 36.64
CA SER C 73 5.46 25.18 37.21
C SER C 73 6.10 26.56 37.07
N SER C 74 7.38 26.62 36.69
CA SER C 74 8.06 27.90 36.52
C SER C 74 7.72 28.56 35.19
N ALA C 75 7.21 27.80 34.23
CA ALA C 75 6.98 28.34 32.89
C ALA C 75 5.74 29.24 32.88
N PRO C 76 5.83 30.46 32.34
CA PRO C 76 4.64 31.33 32.31
C PRO C 76 3.44 30.70 31.62
N HIS C 77 3.66 29.93 30.55
CA HIS C 77 2.56 29.39 29.77
C HIS C 77 1.89 28.18 30.40
N LEU C 78 2.52 27.54 31.36
CA LEU C 78 2.15 26.19 31.79
C LEU C 78 1.45 26.24 33.15
N GLU C 79 0.14 25.96 33.14
CA GLU C 79 -0.65 25.75 34.34
C GLU C 79 -0.60 24.25 34.63
N VAL C 80 0.26 23.85 35.56
CA VAL C 80 0.67 22.45 35.71
C VAL C 80 -0.10 21.79 36.84
N THR C 81 -0.53 20.55 36.59
CA THR C 81 -1.02 19.64 37.62
C THR C 81 0.02 18.52 37.71
N ALA C 82 0.75 18.48 38.83
CA ALA C 82 1.90 17.59 38.99
C ALA C 82 1.52 16.43 39.92
N LEU C 83 1.85 15.22 39.49
CA LEU C 83 1.55 14.00 40.24
C LEU C 83 2.83 13.20 40.43
N ASP C 84 2.95 12.54 41.59
CA ASP C 84 4.10 11.72 41.88
C ASP C 84 3.72 10.66 42.90
N LEU C 85 4.26 9.46 42.73
CA LEU C 85 4.04 8.40 43.70
C LEU C 85 4.64 8.75 45.05
N CYS C 86 5.79 9.43 45.03
CA CYS C 86 6.47 9.89 46.24
C CYS C 86 6.80 11.36 46.07
N PRO C 87 5.83 12.25 46.30
CA PRO C 87 6.07 13.68 46.06
C PRO C 87 7.30 14.18 46.82
N ALA C 88 8.17 14.88 46.08
CA ALA C 88 9.37 15.47 46.68
C ALA C 88 9.17 16.92 47.08
N THR C 89 8.04 17.52 46.75
CA THR C 89 7.73 18.89 47.13
C THR C 89 6.25 18.98 47.46
N GLU C 90 5.87 20.10 48.11
CA GLU C 90 4.51 20.25 48.60
C GLU C 90 3.51 20.53 47.48
N ASP C 91 3.96 21.14 46.37
CA ASP C 91 3.06 21.46 45.27
C ASP C 91 2.72 20.25 44.41
N VAL C 92 3.33 19.11 44.66
CA VAL C 92 3.14 17.90 43.85
C VAL C 92 2.14 17.01 44.57
N LEU C 93 1.05 16.66 43.87
CA LEU C 93 0.03 15.78 44.44
C LEU C 93 0.50 14.33 44.40
N GLN C 94 0.13 13.57 45.43
CA GLN C 94 0.48 12.17 45.51
C GLN C 94 -0.49 11.33 44.66
N ALA C 95 0.04 10.35 43.96
CA ALA C 95 -0.79 9.48 43.14
C ALA C 95 0.03 8.32 42.61
N ASP C 96 -0.64 7.18 42.45
CA ASP C 96 -0.13 6.08 41.62
C ASP C 96 -0.89 6.16 40.30
N PHE C 97 -0.22 6.66 39.26
CA PHE C 97 -0.88 6.92 37.99
C PHE C 97 -1.56 5.68 37.46
N LEU C 98 -1.05 4.49 37.80
CA LEU C 98 -1.65 3.25 37.36
C LEU C 98 -2.97 2.95 38.06
N LYS C 99 -3.28 3.64 39.15
CA LYS C 99 -4.57 3.52 39.82
C LYS C 99 -5.43 4.76 39.62
N VAL C 100 -5.08 5.60 38.66
CA VAL C 100 -5.86 6.79 38.33
C VAL C 100 -6.79 6.46 37.17
N GLU C 101 -8.03 6.91 37.29
CA GLU C 101 -9.06 6.67 36.27
C GLU C 101 -9.27 7.94 35.46
N VAL C 102 -9.19 7.81 34.14
CA VAL C 102 -9.38 8.94 33.24
C VAL C 102 -10.87 9.07 32.98
N VAL C 103 -11.49 10.09 33.58
CA VAL C 103 -12.94 10.19 33.68
C VAL C 103 -13.40 11.31 32.75
N PRO C 104 -14.15 11.01 31.69
CA PRO C 104 -14.84 12.07 30.95
C PRO C 104 -15.88 12.75 31.82
N GLY C 105 -16.02 14.06 31.66
CA GLY C 105 -17.05 14.80 32.35
C GLY C 105 -16.53 15.73 33.43
N ILE C 106 -15.61 15.24 34.27
CA ILE C 106 -15.11 16.05 35.37
C ILE C 106 -14.17 17.11 34.81
N ARG C 107 -13.83 18.09 35.64
CA ARG C 107 -12.95 19.19 35.24
C ARG C 107 -11.74 19.35 36.16
N GLU C 108 -11.73 18.71 37.31
CA GLU C 108 -10.67 18.86 38.29
C GLU C 108 -10.25 17.49 38.79
N PRO C 109 -9.03 17.36 39.33
CA PRO C 109 -8.61 16.08 39.90
C PRO C 109 -9.41 15.75 41.15
N GLU C 110 -9.79 14.49 41.28
CA GLU C 110 -10.54 13.99 42.44
C GLU C 110 -9.64 13.09 43.27
N LEU C 111 -9.54 13.40 44.56
CA LEU C 111 -8.62 12.72 45.46
C LEU C 111 -9.37 11.88 46.47
N GLU C 112 -8.74 10.79 46.89
CA GLU C 112 -9.27 9.91 47.93
C GLU C 112 -8.13 9.53 48.85
N GLU C 113 -8.26 9.88 50.13
CA GLU C 113 -7.24 9.58 51.14
C GLU C 113 -5.93 10.30 50.83
N GLY C 114 -6.02 11.47 50.20
CA GLY C 114 -4.85 12.25 49.84
C GLY C 114 -4.23 11.90 48.50
N SER C 115 -4.58 10.75 47.93
CA SER C 115 -4.06 10.31 46.65
C SER C 115 -5.05 10.67 45.54
N VAL C 116 -4.50 10.96 44.36
CA VAL C 116 -5.34 11.25 43.20
C VAL C 116 -5.87 9.95 42.62
N ARG C 117 -7.18 9.90 42.38
CA ARG C 117 -7.82 8.70 41.87
C ARG C 117 -8.53 8.91 40.54
N ARG C 118 -8.85 10.15 40.17
CA ARG C 118 -9.56 10.41 38.92
C ARG C 118 -9.08 11.74 38.36
N LEU C 119 -8.83 11.75 37.05
CA LEU C 119 -8.41 12.95 36.34
C LEU C 119 -9.33 13.19 35.15
N PRO C 120 -9.48 14.44 34.74
CA PRO C 120 -10.44 14.74 33.66
C PRO C 120 -9.92 14.28 32.31
N ALA C 121 -10.79 13.67 31.52
CA ALA C 121 -10.44 13.23 30.19
C ALA C 121 -10.51 14.38 29.19
N SER C 122 -9.69 14.29 28.15
CA SER C 122 -9.68 15.28 27.07
C SER C 122 -9.66 16.70 27.63
N HIS C 123 -8.66 16.97 28.47
CA HIS C 123 -8.63 18.21 29.24
C HIS C 123 -7.31 18.95 29.13
N TYR C 124 -6.22 18.21 28.95
CA TYR C 124 -4.88 18.78 28.96
C TYR C 124 -4.35 18.95 27.54
N GLU C 125 -3.70 20.09 27.31
CA GLU C 125 -2.98 20.28 26.06
C GLU C 125 -1.66 19.52 26.02
N CYS C 126 -1.10 19.20 27.19
CA CYS C 126 0.18 18.53 27.25
C CYS C 126 0.25 17.61 28.46
N VAL C 127 0.69 16.38 28.23
CA VAL C 127 1.01 15.43 29.29
C VAL C 127 2.49 15.08 29.16
N ILE C 128 3.18 15.03 30.30
CA ILE C 128 4.63 14.90 30.32
C ILE C 128 5.01 13.62 31.06
N PHE C 129 5.76 12.75 30.38
CA PHE C 129 6.41 11.59 30.98
C PHE C 129 7.92 11.82 30.85
N SER C 130 8.52 12.44 31.85
CA SER C 130 9.95 12.77 31.83
C SER C 130 10.69 11.79 32.74
N LEU C 131 11.27 10.75 32.13
CA LEU C 131 12.02 9.73 32.86
C LEU C 131 11.11 8.96 33.82
N LEU C 132 9.92 8.60 33.32
CA LEU C 132 8.93 7.87 34.10
C LEU C 132 8.78 6.42 33.65
N LEU C 133 8.55 6.18 32.37
CA LEU C 133 8.25 4.84 31.90
C LEU C 133 9.39 3.87 32.19
N GLU C 134 10.61 4.37 32.32
CA GLU C 134 11.74 3.50 32.62
C GLU C 134 11.55 2.76 33.93
N TYR C 135 10.85 3.37 34.89
CA TYR C 135 10.62 2.71 36.17
C TYR C 135 9.68 1.53 36.05
N MET C 136 8.73 1.59 35.12
CA MET C 136 7.62 0.64 35.12
C MET C 136 8.12 -0.75 34.71
N PRO C 137 7.64 -1.82 35.37
CA PRO C 137 8.15 -3.17 35.08
C PRO C 137 7.68 -3.72 33.74
N SER C 138 6.39 -3.95 33.59
CA SER C 138 5.85 -4.51 32.36
C SER C 138 5.65 -3.43 31.31
N ALA C 139 5.82 -3.81 30.04
CA ALA C 139 5.47 -2.89 28.96
C ALA C 139 3.97 -2.76 28.83
N GLU C 140 3.21 -3.78 29.26
CA GLU C 140 1.77 -3.62 29.40
C GLU C 140 1.44 -2.48 30.34
N GLN C 141 2.29 -2.26 31.35
CA GLN C 141 2.10 -1.14 32.27
C GLN C 141 2.61 0.17 31.67
N ARG C 142 3.77 0.14 31.02
CA ARG C 142 4.22 1.30 30.27
C ARG C 142 3.22 1.66 29.19
N LEU C 143 2.59 0.64 28.60
CA LEU C 143 1.52 0.88 27.63
C LEU C 143 0.31 1.52 28.31
N GLN C 144 -0.09 0.97 29.46
CA GLN C 144 -1.22 1.54 30.20
C GLN C 144 -1.04 3.03 30.44
N CYS C 145 0.16 3.43 30.86
CA CYS C 145 0.44 4.85 31.09
C CYS C 145 0.17 5.66 29.83
N CYS C 146 0.53 5.13 28.66
CA CYS C 146 0.40 5.88 27.43
C CYS C 146 -1.06 5.98 26.97
N LEU C 147 -1.86 4.95 27.26
CA LEU C 147 -3.28 5.02 26.92
C LEU C 147 -3.99 6.06 27.77
N GLN C 148 -3.75 6.02 29.08
CA GLN C 148 -4.33 7.03 29.98
C GLN C 148 -3.88 8.42 29.57
N ALA C 149 -2.67 8.56 29.02
CA ALA C 149 -2.24 9.84 28.48
C ALA C 149 -3.10 10.24 27.28
N TYR C 150 -3.35 9.29 26.37
CA TYR C 150 -4.16 9.59 25.20
C TYR C 150 -5.55 10.08 25.59
N ASP C 151 -6.14 9.48 26.63
CA ASP C 151 -7.46 9.89 27.06
C ASP C 151 -7.45 11.22 27.82
N LEU C 152 -6.32 11.61 28.39
CA LEU C 152 -6.22 12.87 29.11
C LEU C 152 -5.93 14.05 28.19
N LEU C 153 -5.42 13.80 26.99
CA LEU C 153 -5.02 14.87 26.08
C LEU C 153 -6.21 15.36 25.26
N LEU C 154 -6.28 16.67 25.06
CA LEU C 154 -7.20 17.23 24.10
C LEU C 154 -6.81 16.74 22.71
N PRO C 155 -7.72 16.79 21.75
CA PRO C 155 -7.33 16.54 20.36
C PRO C 155 -6.16 17.42 19.97
N GLU C 156 -5.14 16.81 19.35
CA GLU C 156 -3.93 17.46 18.88
C GLU C 156 -2.99 17.87 19.99
N GLY C 157 -3.30 17.57 21.25
CA GLY C 157 -2.34 17.74 22.32
C GLY C 157 -1.12 16.86 22.11
N ILE C 158 -0.13 17.03 22.98
CA ILE C 158 1.17 16.37 22.81
C ILE C 158 1.58 15.68 24.11
N LEU C 159 2.17 14.51 23.97
CA LEU C 159 2.78 13.78 25.06
C LEU C 159 4.29 13.89 24.92
N VAL C 160 4.93 14.54 25.88
CA VAL C 160 6.38 14.69 25.90
C VAL C 160 6.97 13.45 26.56
N LEU C 161 7.88 12.78 25.85
CA LEU C 161 8.52 11.56 26.33
C LEU C 161 10.02 11.78 26.40
N ILE C 162 10.56 11.74 27.61
CA ILE C 162 12.00 11.82 27.84
C ILE C 162 12.45 10.48 28.39
N THR C 163 13.37 9.84 27.69
CA THR C 163 13.85 8.51 28.03
C THR C 163 15.35 8.53 28.30
N PRO C 164 15.84 7.71 29.22
CA PRO C 164 17.28 7.68 29.50
C PRO C 164 18.04 6.86 28.47
N ASP C 165 19.34 7.15 28.37
CA ASP C 165 20.30 6.56 27.42
C ASP C 165 20.38 7.45 26.18
N MET C 176 12.12 1.32 19.72
CA MET C 176 12.29 2.67 19.21
C MET C 176 11.35 2.90 18.02
N LYS C 177 11.69 2.31 16.87
CA LYS C 177 10.72 2.24 15.78
C LYS C 177 9.55 1.33 16.15
N ASN C 178 9.77 0.38 17.07
CA ASN C 178 8.66 -0.34 17.67
C ASN C 178 7.87 0.56 18.62
N TRP C 179 8.53 1.52 19.26
CA TRP C 179 7.83 2.46 20.11
C TRP C 179 6.87 3.32 19.30
N ARG C 180 7.36 3.92 18.20
CA ARG C 180 6.48 4.66 17.31
C ARG C 180 5.30 3.80 16.87
N TYR C 181 5.57 2.54 16.53
CA TYR C 181 4.50 1.64 16.11
C TYR C 181 3.49 1.42 17.22
N SER C 182 3.98 1.11 18.43
CA SER C 182 3.07 0.86 19.54
C SER C 182 2.25 2.10 19.88
N LEU C 183 2.87 3.28 19.81
CA LEU C 183 2.16 4.50 20.15
C LEU C 183 1.20 4.93 19.04
N ALA C 184 1.61 4.75 17.78
CA ALA C 184 0.68 4.97 16.68
C ALA C 184 -0.49 4.00 16.75
N ARG C 185 -0.26 2.80 17.27
CA ARG C 185 -1.33 1.82 17.44
C ARG C 185 -2.41 2.33 18.38
N ILE C 186 -2.12 3.33 19.20
CA ILE C 186 -3.08 3.89 20.14
C ILE C 186 -3.50 5.30 19.77
N GLY C 187 -3.01 5.84 18.67
CA GLY C 187 -3.41 7.14 18.17
C GLY C 187 -2.39 8.26 18.35
N LEU C 188 -1.13 7.95 18.59
CA LEU C 188 -0.10 8.94 18.88
C LEU C 188 0.99 8.85 17.81
N LEU C 189 1.24 9.97 17.13
CA LEU C 189 2.26 10.05 16.10
C LEU C 189 3.37 10.99 16.56
N ARG C 190 4.61 10.61 16.26
CA ARG C 190 5.76 11.42 16.66
C ARG C 190 5.86 12.67 15.80
N VAL C 191 6.32 13.76 16.42
CA VAL C 191 6.45 15.04 15.75
C VAL C 191 7.81 15.67 16.02
N ARG C 192 8.59 15.07 16.92
CA ARG C 192 9.89 15.63 17.26
C ARG C 192 10.76 14.55 17.89
N PHE C 193 12.05 14.60 17.56
CA PHE C 193 13.05 13.75 18.19
C PHE C 193 14.36 14.51 18.22
N GLU C 194 14.93 14.68 19.41
CA GLU C 194 16.26 15.26 19.54
C GLU C 194 17.02 14.51 20.63
N LYS C 195 18.31 14.33 20.41
CA LYS C 195 19.18 13.67 21.36
C LYS C 195 19.87 14.72 22.23
N LEU C 196 19.75 14.57 23.54
CA LEU C 196 20.38 15.47 24.49
C LEU C 196 21.38 14.68 25.33
N PRO C 197 22.22 15.34 26.12
CA PRO C 197 23.19 14.60 26.95
C PRO C 197 22.54 13.52 27.80
N HIS C 198 22.81 12.26 27.46
CA HIS C 198 22.42 11.07 28.21
C HIS C 198 20.95 10.73 28.06
N ILE C 199 20.16 11.52 27.33
CA ILE C 199 18.72 11.30 27.23
C ILE C 199 18.31 11.36 25.76
N SER C 200 17.09 10.90 25.49
CA SER C 200 16.43 11.08 24.21
C SER C 200 15.10 11.78 24.45
N CYS C 201 14.86 12.86 23.71
CA CYS C 201 13.66 13.67 23.87
C CYS C 201 12.71 13.42 22.70
N MET C 202 11.46 13.11 23.02
CA MET C 202 10.45 12.82 22.01
C MET C 202 9.14 13.51 22.37
N VAL C 203 8.34 13.80 21.35
CA VAL C 203 7.01 14.37 21.51
C VAL C 203 6.05 13.61 20.61
N PHE C 204 4.91 13.21 21.15
CA PHE C 204 3.92 12.43 20.43
C PHE C 204 2.59 13.15 20.48
N ARG C 205 1.92 13.23 19.33
CA ARG C 205 0.73 14.04 19.16
C ARG C 205 -0.50 13.15 19.04
N LYS C 206 -1.58 13.56 19.71
CA LYS C 206 -2.89 12.94 19.54
C LYS C 206 -3.42 13.35 18.17
N ALA C 207 -3.30 12.45 17.20
CA ALA C 207 -3.65 12.76 15.82
C ALA C 207 -5.12 13.17 15.73
N ILE C 208 -5.45 13.85 14.61
CA ILE C 208 -6.83 14.28 14.39
C ILE C 208 -7.75 13.08 14.29
N SER C 209 -7.23 11.93 13.86
CA SER C 209 -8.01 10.70 13.77
C SER C 209 -7.15 9.54 14.25
N ARG C 210 -7.72 8.69 15.10
CA ARG C 210 -7.00 7.53 15.59
C ARG C 210 -6.92 6.45 14.51
N GLU C 211 -7.99 6.27 13.73
CA GLU C 211 -7.95 5.34 12.62
C GLU C 211 -6.79 5.65 11.68
N LEU C 212 -6.62 6.92 11.33
CA LEU C 212 -5.46 7.33 10.56
C LEU C 212 -4.18 6.85 11.21
N SER C 213 -4.00 7.20 12.49
CA SER C 213 -2.77 6.81 13.20
C SER C 213 -2.59 5.30 13.19
N GLN C 214 -3.68 4.55 13.37
CA GLN C 214 -3.57 3.09 13.44
C GLN C 214 -3.30 2.50 12.07
N HIS C 215 -3.90 3.07 11.02
CA HIS C 215 -3.60 2.60 9.66
C HIS C 215 -2.14 2.84 9.32
N TRP C 216 -1.63 4.03 9.63
CA TRP C 216 -0.22 4.30 9.42
C TRP C 216 0.65 3.28 10.14
N ALA C 217 0.26 2.89 11.35
CA ALA C 217 1.03 1.91 12.09
C ALA C 217 0.90 0.53 11.47
N SER C 218 -0.27 0.20 10.92
CA SER C 218 -0.44 -1.09 10.25
C SER C 218 0.60 -1.29 9.16
N ILE C 219 0.87 -0.25 8.36
CA ILE C 219 1.87 -0.36 7.30
C ILE C 219 3.29 -0.39 7.84
N HIS C 220 3.46 -0.18 9.14
CA HIS C 220 4.77 -0.27 9.78
C HIS C 220 4.71 -1.24 10.96
N SER D 6 -6.66 -37.36 -21.25
CA SER D 6 -6.25 -36.16 -21.96
C SER D 6 -5.30 -35.32 -21.12
N ARG D 7 -4.30 -34.73 -21.79
CA ARG D 7 -3.31 -33.90 -21.09
C ARG D 7 -3.93 -32.63 -20.54
N ILE D 8 -4.90 -32.06 -21.23
CA ILE D 8 -5.50 -30.80 -20.78
C ILE D 8 -6.22 -30.99 -19.46
N LYS D 9 -6.96 -32.09 -19.33
CA LYS D 9 -7.72 -32.34 -18.10
C LYS D 9 -6.79 -32.74 -16.96
N TRP D 10 -5.74 -33.52 -17.27
CA TRP D 10 -4.75 -33.85 -16.26
C TRP D 10 -4.11 -32.59 -15.68
N ALA D 11 -3.76 -31.64 -16.54
CA ALA D 11 -3.15 -30.40 -16.07
C ALA D 11 -4.15 -29.57 -15.27
N ILE D 12 -5.40 -29.51 -15.73
CA ILE D 12 -6.42 -28.75 -15.00
C ILE D 12 -6.61 -29.33 -13.61
N ASP D 13 -6.54 -30.65 -13.50
CA ASP D 13 -6.78 -31.31 -12.22
C ASP D 13 -5.60 -31.16 -11.26
N TYR D 14 -4.36 -31.12 -11.76
CA TYR D 14 -3.23 -30.93 -10.87
C TYR D 14 -3.17 -29.50 -10.34
N ILE D 15 -3.34 -28.52 -11.23
CA ILE D 15 -3.28 -27.13 -10.80
C ILE D 15 -4.29 -26.88 -9.68
N THR D 16 -5.51 -27.40 -9.83
CA THR D 16 -6.50 -27.26 -8.77
C THR D 16 -6.03 -27.92 -7.49
N LYS D 17 -5.36 -29.08 -7.61
CA LYS D 17 -4.82 -29.73 -6.42
C LYS D 17 -3.64 -28.97 -5.86
N TYR D 18 -2.78 -28.45 -6.74
CA TYR D 18 -1.56 -27.79 -6.28
C TYR D 18 -1.87 -26.57 -5.42
N PHE D 19 -2.86 -25.76 -5.84
CA PHE D 19 -3.11 -24.48 -5.19
C PHE D 19 -4.30 -24.50 -4.24
N PHE D 20 -5.25 -25.43 -4.40
CA PHE D 20 -6.51 -25.33 -3.66
C PHE D 20 -6.86 -26.59 -2.88
N THR D 21 -7.22 -27.67 -3.58
CA THR D 21 -7.92 -28.77 -2.93
C THR D 21 -7.02 -29.66 -2.09
N GLU D 22 -5.71 -29.67 -2.37
CA GLU D 22 -4.77 -30.45 -1.57
C GLU D 22 -3.59 -29.64 -1.04
N GLY D 23 -3.43 -28.39 -1.46
CA GLY D 23 -2.37 -27.54 -0.97
C GLY D 23 -0.98 -28.13 -1.12
N ILE D 24 -0.67 -28.68 -2.30
CA ILE D 24 0.67 -29.22 -2.51
C ILE D 24 1.72 -28.14 -2.39
N TYR D 25 1.38 -26.89 -2.78
CA TYR D 25 2.35 -25.81 -2.70
C TYR D 25 2.78 -25.55 -1.26
N LEU D 26 1.92 -25.88 -0.29
CA LEU D 26 2.33 -25.77 1.11
C LEU D 26 3.10 -27.00 1.57
N GLN D 27 2.79 -28.19 1.04
CA GLN D 27 3.56 -29.38 1.38
C GLN D 27 4.98 -29.28 0.84
N LYS D 28 5.13 -28.87 -0.41
CA LYS D 28 6.46 -28.74 -1.00
C LYS D 28 7.25 -27.59 -0.39
N ARG D 29 6.56 -26.59 0.16
CA ARG D 29 7.26 -25.57 0.94
C ARG D 29 7.94 -26.19 2.15
N GLN D 30 7.24 -27.09 2.83
CA GLN D 30 7.82 -27.75 4.01
C GLN D 30 8.97 -28.67 3.61
N ARG D 31 8.81 -29.40 2.50
CA ARG D 31 9.89 -30.26 2.04
C ARG D 31 11.15 -29.45 1.74
N GLU D 32 10.98 -28.31 1.05
CA GLU D 32 12.14 -27.50 0.70
C GLU D 32 12.73 -26.82 1.93
N GLN D 33 11.89 -26.41 2.88
CA GLN D 33 12.40 -25.81 4.11
C GLN D 33 13.13 -26.85 4.96
N ARG D 34 12.74 -28.12 4.87
CA ARG D 34 13.49 -29.18 5.53
C ARG D 34 14.78 -29.49 4.80
N LEU D 35 14.74 -29.48 3.46
CA LEU D 35 15.96 -29.69 2.69
C LEU D 35 16.98 -28.58 2.93
N LEU D 36 16.51 -27.34 3.03
CA LEU D 36 17.43 -26.22 3.22
C LEU D 36 18.07 -26.28 4.60
N GLU D 37 17.31 -26.67 5.62
CA GLU D 37 17.90 -26.86 6.94
C GLU D 37 18.93 -27.99 6.91
N SER D 38 18.62 -29.07 6.19
CA SER D 38 19.58 -30.17 6.07
C SER D 38 20.90 -29.69 5.50
N TYR D 39 20.86 -29.00 4.35
CA TYR D 39 22.08 -28.44 3.77
C TYR D 39 22.75 -27.49 4.75
N ARG D 40 21.96 -26.64 5.40
CA ARG D 40 22.53 -25.65 6.31
C ARG D 40 23.27 -26.32 7.45
N ALA D 41 22.72 -27.39 8.01
CA ALA D 41 23.37 -28.07 9.12
C ALA D 41 24.75 -28.58 8.72
N GLU D 42 24.90 -29.02 7.46
CA GLU D 42 26.20 -29.43 6.94
C GLU D 42 27.00 -28.24 6.42
N GLY D 43 26.61 -27.01 6.74
CA GLY D 43 27.44 -25.85 6.48
C GLY D 43 27.33 -25.28 5.08
N LYS D 44 26.13 -25.22 4.51
CA LYS D 44 25.93 -24.65 3.19
C LYS D 44 24.59 -23.92 3.15
N LEU D 45 24.54 -22.81 2.41
CA LEU D 45 23.30 -22.07 2.17
C LEU D 45 22.79 -21.39 3.44
N GLY D 46 23.70 -21.00 4.32
CA GLY D 46 23.28 -20.47 5.62
C GLY D 46 22.28 -19.33 5.50
N GLU D 47 22.55 -18.37 4.63
CA GLU D 47 21.76 -17.14 4.60
C GLU D 47 21.12 -16.91 3.23
N VAL D 48 20.52 -17.94 2.66
CA VAL D 48 19.75 -17.77 1.43
C VAL D 48 18.45 -17.04 1.75
N GLN D 49 17.98 -16.24 0.80
CA GLN D 49 16.73 -15.50 0.94
C GLN D 49 15.63 -16.29 0.26
N CYS D 50 14.67 -16.78 1.05
CA CYS D 50 13.52 -17.50 0.52
C CYS D 50 12.42 -16.52 0.14
N ARG D 51 11.69 -16.87 -0.91
CA ARG D 51 10.55 -16.08 -1.37
C ARG D 51 9.33 -16.99 -1.42
N LEU D 52 8.30 -16.64 -0.68
CA LEU D 52 7.10 -17.47 -0.56
C LEU D 52 5.92 -16.80 -1.23
N MET D 53 4.91 -17.61 -1.53
CA MET D 53 3.69 -17.16 -2.17
C MET D 53 2.63 -16.89 -1.11
N GLU D 54 1.93 -15.77 -1.27
CA GLU D 54 0.73 -15.52 -0.46
C GLU D 54 -0.36 -16.49 -0.87
N GLU D 55 -1.48 -16.45 -0.15
CA GLU D 55 -2.60 -17.33 -0.44
C GLU D 55 -3.06 -17.07 -1.88
N PRO D 56 -3.11 -18.09 -2.74
CA PRO D 56 -3.49 -17.84 -4.13
C PRO D 56 -4.95 -17.40 -4.22
N PRO D 57 -5.30 -16.59 -5.22
CA PRO D 57 -6.70 -16.22 -5.40
C PRO D 57 -7.49 -17.39 -5.95
N ASP D 58 -8.82 -17.27 -5.88
CA ASP D 58 -9.68 -18.28 -6.47
C ASP D 58 -9.55 -18.31 -7.98
N ARG D 59 -9.10 -17.22 -8.60
CA ARG D 59 -8.86 -17.16 -10.04
C ARG D 59 -7.38 -16.94 -10.26
N LEU D 60 -6.70 -17.94 -10.82
CA LEU D 60 -5.26 -17.90 -11.01
C LEU D 60 -4.91 -17.28 -12.36
N HIS D 61 -3.74 -16.65 -12.42
CA HIS D 61 -3.22 -16.08 -13.65
C HIS D 61 -2.34 -17.12 -14.32
N VAL D 62 -2.80 -17.64 -15.46
CA VAL D 62 -2.12 -18.71 -16.17
C VAL D 62 -1.60 -18.17 -17.50
N LEU D 63 -0.44 -18.67 -17.91
CA LEU D 63 0.15 -18.35 -19.21
C LEU D 63 0.27 -19.65 -20.00
N ASP D 64 -0.42 -19.71 -21.13
CA ASP D 64 -0.40 -20.87 -22.01
C ASP D 64 0.46 -20.52 -23.23
N VAL D 65 1.68 -21.03 -23.25
CA VAL D 65 2.64 -20.75 -24.31
C VAL D 65 2.63 -21.92 -25.28
N GLY D 66 2.54 -21.61 -26.58
CA GLY D 66 2.29 -22.65 -27.55
C GLY D 66 0.86 -23.11 -27.54
N SER D 67 -0.07 -22.23 -27.15
CA SER D 67 -1.49 -22.57 -27.10
C SER D 67 -2.06 -22.45 -28.50
N CYS D 68 -2.37 -23.59 -29.11
CA CYS D 68 -2.95 -23.54 -30.45
C CYS D 68 -4.35 -22.95 -30.42
N PHE D 69 -5.16 -23.30 -29.40
CA PHE D 69 -6.58 -22.94 -29.39
C PHE D 69 -7.12 -22.62 -28.00
N ASN D 70 -6.26 -22.23 -27.06
CA ASN D 70 -6.68 -21.80 -25.73
C ASN D 70 -7.57 -22.83 -25.04
N PRO D 71 -7.10 -24.07 -24.87
CA PRO D 71 -7.93 -25.09 -24.24
C PRO D 71 -8.17 -24.88 -22.74
N PHE D 72 -7.31 -24.14 -22.06
CA PHE D 72 -7.42 -23.96 -20.61
C PHE D 72 -8.33 -22.80 -20.22
N SER D 73 -8.87 -22.06 -21.19
CA SER D 73 -9.75 -20.94 -20.89
C SER D 73 -11.13 -21.38 -20.42
N SER D 74 -11.43 -22.68 -20.48
CA SER D 74 -12.71 -23.19 -20.01
C SER D 74 -12.70 -23.55 -18.54
N ALA D 75 -11.53 -23.72 -17.94
CA ALA D 75 -11.44 -24.12 -16.54
C ALA D 75 -11.85 -22.96 -15.64
N PRO D 76 -12.79 -23.17 -14.70
CA PRO D 76 -13.24 -22.04 -13.85
C PRO D 76 -12.11 -21.31 -13.13
N HIS D 77 -11.13 -22.04 -12.58
CA HIS D 77 -10.12 -21.39 -11.75
C HIS D 77 -9.12 -20.58 -12.58
N LEU D 78 -8.99 -20.83 -13.87
CA LEU D 78 -7.85 -20.38 -14.65
C LEU D 78 -8.20 -19.16 -15.48
N GLU D 79 -7.50 -18.05 -15.23
CA GLU D 79 -7.55 -16.85 -16.06
C GLU D 79 -6.34 -16.91 -16.98
N VAL D 80 -6.57 -17.33 -18.23
CA VAL D 80 -5.50 -17.71 -19.14
C VAL D 80 -5.14 -16.55 -20.05
N THR D 81 -3.84 -16.33 -20.22
CA THR D 81 -3.29 -15.52 -21.30
C THR D 81 -2.61 -16.49 -22.26
N ALA D 82 -3.17 -16.64 -23.45
CA ALA D 82 -2.72 -17.64 -24.42
C ALA D 82 -1.89 -16.97 -25.50
N LEU D 83 -0.72 -17.54 -25.79
CA LEU D 83 0.18 -17.08 -26.83
C LEU D 83 0.43 -18.20 -27.82
N ASP D 84 0.77 -17.83 -29.05
CA ASP D 84 1.09 -18.83 -30.05
C ASP D 84 1.72 -18.17 -31.26
N LEU D 85 2.72 -18.84 -31.84
CA LEU D 85 3.34 -18.35 -33.07
C LEU D 85 2.33 -18.27 -34.21
N CYS D 86 1.33 -19.15 -34.21
CA CYS D 86 0.31 -19.19 -35.27
C CYS D 86 -1.04 -19.49 -34.62
N PRO D 87 -1.71 -18.47 -34.09
CA PRO D 87 -2.96 -18.71 -33.35
C PRO D 87 -4.00 -19.40 -34.24
N ALA D 88 -4.58 -20.47 -33.71
CA ALA D 88 -5.65 -21.17 -34.42
C ALA D 88 -7.03 -20.67 -34.05
N THR D 89 -7.14 -19.83 -33.01
CA THR D 89 -8.42 -19.28 -32.60
C THR D 89 -8.24 -17.80 -32.27
N GLU D 90 -9.36 -17.07 -32.27
CA GLU D 90 -9.30 -15.62 -32.14
C GLU D 90 -8.80 -15.19 -30.76
N ASP D 91 -9.12 -15.96 -29.71
CA ASP D 91 -8.77 -15.56 -28.36
C ASP D 91 -7.27 -15.67 -28.08
N VAL D 92 -6.51 -16.35 -28.93
CA VAL D 92 -5.10 -16.60 -28.67
C VAL D 92 -4.28 -15.47 -29.29
N LEU D 93 -3.39 -14.89 -28.50
CA LEU D 93 -2.55 -13.80 -28.97
C LEU D 93 -1.37 -14.34 -29.77
N GLN D 94 -0.99 -13.60 -30.81
CA GLN D 94 0.16 -13.97 -31.63
C GLN D 94 1.45 -13.55 -30.94
N ALA D 95 2.45 -14.42 -31.01
CA ALA D 95 3.73 -14.15 -30.38
C ALA D 95 4.77 -15.22 -30.69
N ASP D 96 6.04 -14.83 -30.71
CA ASP D 96 7.17 -15.75 -30.73
C ASP D 96 7.83 -15.63 -29.36
N PHE D 97 7.62 -16.63 -28.50
CA PHE D 97 8.08 -16.56 -27.12
C PHE D 97 9.56 -16.20 -27.03
N LEU D 98 10.34 -16.61 -28.03
CA LEU D 98 11.77 -16.34 -28.02
C LEU D 98 12.10 -14.86 -28.23
N LYS D 99 11.14 -14.07 -28.69
CA LYS D 99 11.31 -12.63 -28.83
C LYS D 99 10.55 -11.84 -27.77
N VAL D 100 9.85 -12.52 -26.86
CA VAL D 100 9.15 -11.86 -25.77
C VAL D 100 10.14 -11.57 -24.65
N GLU D 101 9.99 -10.42 -24.02
CA GLU D 101 10.86 -9.98 -22.95
C GLU D 101 10.09 -9.97 -21.63
N VAL D 102 10.61 -10.69 -20.64
CA VAL D 102 10.00 -10.74 -19.32
C VAL D 102 10.52 -9.55 -18.52
N VAL D 103 9.62 -8.64 -18.15
CA VAL D 103 9.97 -7.32 -17.65
C VAL D 103 9.32 -7.13 -16.30
N PRO D 104 10.06 -6.73 -15.26
CA PRO D 104 9.43 -6.38 -13.98
C PRO D 104 8.88 -4.96 -14.01
N GLY D 105 7.74 -4.78 -13.32
CA GLY D 105 7.12 -3.49 -13.19
C GLY D 105 5.85 -3.31 -13.98
N ILE D 106 5.55 -4.21 -14.93
CA ILE D 106 4.34 -4.14 -15.70
C ILE D 106 3.36 -5.20 -15.19
N ARG D 107 2.11 -5.09 -15.63
CA ARG D 107 1.06 -6.01 -15.22
C ARG D 107 0.36 -6.70 -16.38
N GLU D 108 0.37 -6.12 -17.56
CA GLU D 108 -0.35 -6.63 -18.72
C GLU D 108 0.61 -6.93 -19.86
N PRO D 109 0.25 -7.82 -20.78
CA PRO D 109 1.07 -8.01 -21.98
C PRO D 109 1.06 -6.77 -22.84
N GLU D 110 2.25 -6.39 -23.31
CA GLU D 110 2.42 -5.23 -24.19
C GLU D 110 2.71 -5.74 -25.59
N LEU D 111 1.84 -5.38 -26.53
CA LEU D 111 1.94 -5.85 -27.90
C LEU D 111 2.49 -4.74 -28.80
N GLU D 112 3.21 -5.14 -29.84
CA GLU D 112 3.76 -4.22 -30.83
C GLU D 112 3.56 -4.85 -32.20
N GLU D 113 2.73 -4.20 -33.03
CA GLU D 113 2.41 -4.71 -34.36
C GLU D 113 1.62 -6.02 -34.28
N GLY D 114 0.63 -6.05 -33.40
CA GLY D 114 -0.20 -7.24 -33.23
C GLY D 114 0.46 -8.42 -32.56
N SER D 115 1.76 -8.33 -32.26
CA SER D 115 2.51 -9.41 -31.65
C SER D 115 2.86 -9.03 -30.21
N VAL D 116 2.91 -10.04 -29.34
CA VAL D 116 3.29 -9.82 -27.94
C VAL D 116 4.81 -9.72 -27.87
N ARG D 117 5.31 -8.62 -27.30
CA ARG D 117 6.73 -8.39 -27.17
C ARG D 117 7.24 -8.36 -25.74
N ARG D 118 6.38 -8.09 -24.76
CA ARG D 118 6.78 -8.03 -23.37
C ARG D 118 5.68 -8.60 -22.50
N LEU D 119 6.06 -9.33 -21.45
CA LEU D 119 5.15 -9.96 -20.52
C LEU D 119 5.52 -9.61 -19.09
N PRO D 120 4.56 -9.65 -18.17
CA PRO D 120 4.84 -9.24 -16.79
C PRO D 120 5.62 -10.31 -16.02
N ALA D 121 6.67 -9.88 -15.33
CA ALA D 121 7.49 -10.79 -14.55
C ALA D 121 6.83 -11.09 -13.21
N SER D 122 7.14 -12.27 -12.67
CA SER D 122 6.63 -12.72 -11.38
C SER D 122 5.15 -12.37 -11.20
N HIS D 123 4.34 -12.79 -12.18
CA HIS D 123 2.94 -12.39 -12.22
C HIS D 123 2.00 -13.58 -12.31
N TYR D 124 2.45 -14.69 -12.87
CA TYR D 124 1.59 -15.84 -13.10
C TYR D 124 1.84 -16.93 -12.07
N GLU D 125 0.76 -17.59 -11.64
CA GLU D 125 0.88 -18.76 -10.77
C GLU D 125 1.20 -20.02 -11.57
N CYS D 126 0.95 -20.02 -12.87
CA CYS D 126 1.18 -21.20 -13.69
C CYS D 126 1.54 -20.79 -15.11
N VAL D 127 2.58 -21.43 -15.65
CA VAL D 127 2.93 -21.35 -17.06
C VAL D 127 2.86 -22.76 -17.63
N ILE D 128 2.37 -22.88 -18.87
CA ILE D 128 2.09 -24.17 -19.47
C ILE D 128 2.87 -24.29 -20.78
N PHE D 129 3.75 -25.28 -20.85
CA PHE D 129 4.41 -25.72 -22.08
C PHE D 129 3.87 -27.10 -22.41
N SER D 130 2.72 -27.14 -23.08
CA SER D 130 2.09 -28.41 -23.44
C SER D 130 2.50 -28.76 -24.87
N LEU D 131 3.52 -29.62 -24.99
CA LEU D 131 4.01 -30.08 -26.30
C LEU D 131 4.54 -28.91 -27.13
N LEU D 132 5.45 -28.15 -26.54
CA LEU D 132 6.02 -26.97 -27.17
C LEU D 132 7.52 -27.07 -27.38
N LEU D 133 8.27 -27.56 -26.39
CA LEU D 133 9.72 -27.55 -26.49
C LEU D 133 10.25 -28.55 -27.51
N GLU D 134 9.45 -29.57 -27.87
CA GLU D 134 9.89 -30.51 -28.89
C GLU D 134 10.05 -29.82 -30.24
N TYR D 135 9.20 -28.81 -30.52
CA TYR D 135 9.35 -28.04 -31.74
C TYR D 135 10.71 -27.36 -31.81
N MET D 136 11.17 -26.82 -30.68
CA MET D 136 12.29 -25.90 -30.67
C MET D 136 13.56 -26.58 -31.19
N PRO D 137 14.47 -25.82 -31.80
CA PRO D 137 15.65 -26.44 -32.44
C PRO D 137 16.82 -26.65 -31.50
N SER D 138 17.27 -25.58 -30.84
CA SER D 138 18.43 -25.67 -29.95
C SER D 138 17.98 -25.91 -28.52
N ALA D 139 18.68 -26.81 -27.83
CA ALA D 139 18.48 -26.93 -26.39
C ALA D 139 18.76 -25.62 -25.68
N GLU D 140 19.59 -24.77 -26.28
CA GLU D 140 19.79 -23.42 -25.75
C GLU D 140 18.49 -22.62 -25.80
N GLN D 141 17.74 -22.74 -26.90
CA GLN D 141 16.47 -22.04 -27.00
C GLN D 141 15.41 -22.68 -26.13
N ARG D 142 15.46 -24.00 -25.97
CA ARG D 142 14.54 -24.65 -25.04
C ARG D 142 14.86 -24.26 -23.60
N LEU D 143 16.15 -24.10 -23.29
CA LEU D 143 16.52 -23.55 -21.99
C LEU D 143 16.03 -22.11 -21.86
N GLN D 144 16.13 -21.32 -22.94
CA GLN D 144 15.64 -19.96 -22.92
C GLN D 144 14.16 -19.90 -22.55
N CYS D 145 13.34 -20.71 -23.22
CA CYS D 145 11.92 -20.77 -22.90
C CYS D 145 11.72 -21.03 -21.42
N CYS D 146 12.48 -21.96 -20.85
CA CYS D 146 12.32 -22.31 -19.44
C CYS D 146 12.84 -21.19 -18.55
N LEU D 147 13.91 -20.52 -18.96
CA LEU D 147 14.41 -19.39 -18.18
C LEU D 147 13.37 -18.27 -18.12
N GLN D 148 12.76 -17.95 -19.27
CA GLN D 148 11.74 -16.92 -19.29
C GLN D 148 10.52 -17.34 -18.47
N ALA D 149 10.16 -18.62 -18.52
CA ALA D 149 9.10 -19.13 -17.66
C ALA D 149 9.43 -18.87 -16.19
N TYR D 150 10.68 -19.12 -15.79
CA TYR D 150 11.05 -18.93 -14.40
C TYR D 150 10.81 -17.50 -13.95
N ASP D 151 11.10 -16.52 -14.82
CA ASP D 151 10.91 -15.13 -14.44
C ASP D 151 9.44 -14.73 -14.48
N LEU D 152 8.64 -15.36 -15.33
CA LEU D 152 7.22 -15.05 -15.39
C LEU D 152 6.45 -15.58 -14.18
N LEU D 153 7.02 -16.56 -13.47
CA LEU D 153 6.31 -17.25 -12.40
C LEU D 153 6.45 -16.48 -11.08
N LEU D 154 5.37 -16.48 -10.31
CA LEU D 154 5.44 -16.02 -8.94
C LEU D 154 6.20 -17.04 -8.10
N PRO D 155 6.70 -16.64 -6.92
CA PRO D 155 7.32 -17.62 -6.03
C PRO D 155 6.39 -18.81 -5.82
N GLU D 156 6.96 -20.01 -5.86
CA GLU D 156 6.27 -21.28 -5.65
C GLU D 156 5.29 -21.62 -6.76
N GLY D 157 5.24 -20.84 -7.84
CA GLY D 157 4.46 -21.21 -9.00
C GLY D 157 4.94 -22.50 -9.62
N ILE D 158 4.20 -22.97 -10.62
CA ILE D 158 4.50 -24.24 -11.28
C ILE D 158 4.52 -24.06 -12.79
N LEU D 159 5.40 -24.80 -13.44
CA LEU D 159 5.49 -24.87 -14.89
C LEU D 159 5.06 -26.26 -15.33
N VAL D 160 3.96 -26.35 -16.06
CA VAL D 160 3.45 -27.63 -16.55
C VAL D 160 4.14 -27.93 -17.88
N LEU D 161 4.89 -29.04 -17.93
CA LEU D 161 5.64 -29.44 -19.12
C LEU D 161 5.09 -30.77 -19.60
N ILE D 162 4.42 -30.74 -20.76
CA ILE D 162 3.96 -31.95 -21.44
C ILE D 162 4.90 -32.22 -22.59
N THR D 163 5.40 -33.45 -22.68
CA THR D 163 6.36 -33.84 -23.70
C THR D 163 5.87 -35.07 -24.44
N PRO D 164 6.29 -35.26 -25.68
CA PRO D 164 5.89 -36.44 -26.44
C PRO D 164 6.90 -37.58 -26.29
N ASP D 165 6.42 -38.78 -26.55
CA ASP D 165 7.26 -39.98 -26.42
C ASP D 165 8.25 -40.08 -27.58
N MET D 176 15.15 -37.51 -18.98
CA MET D 176 14.21 -36.99 -18.00
C MET D 176 14.90 -36.77 -16.65
N LYS D 177 16.17 -37.17 -16.57
CA LYS D 177 17.01 -36.87 -15.41
C LYS D 177 17.93 -35.69 -15.65
N ASN D 178 18.48 -35.55 -16.87
CA ASN D 178 19.15 -34.31 -17.24
C ASN D 178 18.17 -33.16 -17.33
N TRP D 179 16.88 -33.46 -17.55
CA TRP D 179 15.86 -32.41 -17.52
C TRP D 179 15.66 -31.90 -16.10
N ARG D 180 15.56 -32.81 -15.13
CA ARG D 180 15.46 -32.39 -13.73
C ARG D 180 16.70 -31.61 -13.30
N TYR D 181 17.88 -32.03 -13.77
CA TYR D 181 19.11 -31.35 -13.39
C TYR D 181 19.19 -29.97 -14.03
N SER D 182 18.91 -29.89 -15.33
CA SER D 182 19.04 -28.63 -16.04
C SER D 182 18.03 -27.61 -15.53
N LEU D 183 16.81 -28.05 -15.24
CA LEU D 183 15.79 -27.16 -14.71
C LEU D 183 16.08 -26.77 -13.25
N ALA D 184 16.68 -27.68 -12.48
CA ALA D 184 17.07 -27.33 -11.12
C ALA D 184 18.22 -26.34 -11.11
N ARG D 185 19.04 -26.31 -12.17
CA ARG D 185 20.11 -25.34 -12.27
C ARG D 185 19.60 -23.91 -12.39
N ILE D 186 18.33 -23.74 -12.77
CA ILE D 186 17.74 -22.41 -12.94
C ILE D 186 16.71 -22.09 -11.87
N GLY D 187 16.40 -23.02 -10.98
CA GLY D 187 15.55 -22.74 -9.84
C GLY D 187 14.27 -23.55 -9.79
N LEU D 188 14.14 -24.54 -10.67
CA LEU D 188 12.90 -25.29 -10.83
C LEU D 188 13.11 -26.74 -10.41
N LEU D 189 12.35 -27.18 -9.41
CA LEU D 189 12.38 -28.57 -8.94
C LEU D 189 11.09 -29.26 -9.34
N ARG D 190 11.22 -30.55 -9.69
CA ARG D 190 10.05 -31.31 -10.11
C ARG D 190 9.20 -31.72 -8.91
N VAL D 191 7.89 -31.76 -9.12
CA VAL D 191 6.93 -32.11 -8.08
C VAL D 191 5.88 -33.10 -8.56
N ARG D 192 5.89 -33.49 -9.82
CA ARG D 192 4.88 -34.40 -10.35
C ARG D 192 5.36 -34.99 -11.67
N PHE D 193 5.19 -36.29 -11.81
CA PHE D 193 5.45 -37.00 -13.06
C PHE D 193 4.41 -38.10 -13.21
N GLU D 194 3.72 -38.11 -14.33
CA GLU D 194 2.81 -39.20 -14.64
C GLU D 194 2.83 -39.46 -16.14
N LYS D 195 2.73 -40.73 -16.51
CA LYS D 195 2.71 -41.13 -17.91
C LYS D 195 1.28 -41.25 -18.39
N LEU D 196 0.97 -40.57 -19.48
CA LEU D 196 -0.33 -40.69 -20.14
C LEU D 196 -0.09 -41.26 -21.53
N PRO D 197 -1.13 -41.68 -22.25
CA PRO D 197 -0.91 -42.25 -23.58
C PRO D 197 -0.10 -41.35 -24.50
N HIS D 198 1.08 -41.81 -24.90
CA HIS D 198 1.94 -41.19 -25.90
C HIS D 198 2.66 -39.94 -25.40
N ILE D 199 2.40 -39.49 -24.17
CA ILE D 199 2.98 -38.25 -23.65
C ILE D 199 3.57 -38.52 -22.27
N SER D 200 4.36 -37.55 -21.81
CA SER D 200 4.85 -37.50 -20.44
C SER D 200 4.48 -36.15 -19.85
N CYS D 201 3.85 -36.16 -18.68
CA CYS D 201 3.38 -34.95 -18.03
C CYS D 201 4.24 -34.67 -16.80
N MET D 202 4.76 -33.44 -16.71
CA MET D 202 5.65 -33.04 -15.63
C MET D 202 5.26 -31.66 -15.13
N VAL D 203 5.45 -31.44 -13.83
CA VAL D 203 5.23 -30.14 -13.22
C VAL D 203 6.48 -29.77 -12.45
N PHE D 204 7.02 -28.58 -12.73
CA PHE D 204 8.20 -28.07 -12.06
C PHE D 204 7.84 -26.80 -11.28
N ARG D 205 8.37 -26.71 -10.07
CA ARG D 205 8.02 -25.65 -9.13
C ARG D 205 9.18 -24.67 -8.97
N LYS D 206 8.85 -23.38 -8.96
CA LYS D 206 9.82 -22.35 -8.59
C LYS D 206 10.08 -22.47 -7.10
N ALA D 207 11.18 -23.12 -6.73
CA ALA D 207 11.47 -23.39 -5.34
C ALA D 207 11.57 -22.07 -4.55
N ILE D 208 11.40 -22.18 -3.23
CA ILE D 208 11.45 -21.00 -2.37
C ILE D 208 12.79 -20.29 -2.54
N SER D 209 13.84 -21.02 -2.88
CA SER D 209 15.16 -20.45 -3.10
C SER D 209 15.78 -21.09 -4.33
N ARG D 210 16.37 -20.25 -5.18
CA ARG D 210 17.08 -20.76 -6.35
C ARG D 210 18.38 -21.44 -5.95
N GLU D 211 19.11 -20.86 -4.99
CA GLU D 211 20.33 -21.49 -4.50
C GLU D 211 20.05 -22.90 -4.02
N LEU D 212 18.95 -23.09 -3.28
CA LEU D 212 18.57 -24.43 -2.84
C LEU D 212 18.45 -25.36 -4.04
N SER D 213 17.70 -24.94 -5.07
CA SER D 213 17.52 -25.77 -6.25
C SER D 213 18.85 -26.01 -6.95
N GLN D 214 19.71 -25.00 -7.03
CA GLN D 214 20.99 -25.17 -7.71
C GLN D 214 21.91 -26.09 -6.91
N HIS D 215 21.93 -25.94 -5.58
CA HIS D 215 22.74 -26.84 -4.76
C HIS D 215 22.26 -28.27 -4.90
N TRP D 216 20.94 -28.49 -4.78
CA TRP D 216 20.40 -29.82 -5.00
C TRP D 216 20.88 -30.40 -6.32
N ALA D 217 20.97 -29.56 -7.36
CA ALA D 217 21.39 -30.03 -8.66
C ALA D 217 22.88 -30.37 -8.68
N SER D 218 23.68 -29.67 -7.88
CA SER D 218 25.10 -30.01 -7.78
C SER D 218 25.29 -31.44 -7.31
N ILE D 219 24.49 -31.88 -6.35
CA ILE D 219 24.65 -33.19 -5.75
C ILE D 219 24.20 -34.25 -6.74
N SFG E . 5.19 26.91 -16.78
CA SFG E . 3.96 27.28 -17.42
C SFG E . 2.74 26.62 -16.69
O SFG E . 2.87 26.22 -15.49
OXT SFG E . 1.63 26.50 -17.29
CB SFG E . 3.99 26.85 -18.88
CG SFG E . 4.25 25.29 -19.01
CD SFG E . 4.14 24.90 -20.47
NE SFG E . 3.08 23.91 -20.61
C5' SFG E . 5.50 24.31 -20.99
C4' SFG E . 6.43 25.45 -21.37
O4' SFG E . 7.82 24.96 -21.36
C3' SFG E . 6.15 25.93 -22.73
O3' SFG E . 5.89 27.31 -22.70
C2' SFG E . 7.38 25.68 -23.56
O2' SFG E . 7.64 26.79 -24.43
C1' SFG E . 8.48 25.50 -22.59
N9 SFG E . 9.50 24.59 -23.11
C8 SFG E . 9.12 23.47 -23.62
N7 SFG E . 10.24 22.80 -24.02
C5 SFG E . 11.41 23.73 -23.62
C6 SFG E . 12.81 23.77 -23.68
N6 SFG E . 13.55 22.63 -24.28
N1 SFG E . 13.48 24.79 -23.22
C2 SFG E . 12.86 25.83 -22.68
N3 SFG E . 11.52 25.90 -22.57
C4 SFG E . 10.75 24.90 -23.02
HN1 SFG E . 5.51 27.68 -16.21
HN2 SFG E . 5.06 26.11 -16.22
HA SFG E . 3.85 28.35 -17.38
HB1 SFG E . 4.80 27.38 -19.39
HB2 SFG E . 3.05 27.09 -19.35
HG1 SFG E . 5.24 25.05 -18.64
HG2 SFG E . 3.50 24.76 -18.43
HD SFG E . 3.91 25.77 -21.07
HNE1 SFG E . 3.18 23.43 -21.47
HNE2 SFG E . 3.12 23.27 -19.84
H5'1 SFG E . 5.96 23.71 -20.19
H5'2 SFG E . 5.31 23.69 -21.87
H4' SFG E . 6.30 26.27 -20.66
H3' SFG E . 5.30 25.38 -23.15
HO3' SFG E . 5.63 27.58 -23.55
H2' SFG E . 7.26 24.80 -24.17
HO2' SFG E . 7.08 26.72 -25.18
H1' SFG E . 8.99 26.44 -22.40
H8 SFG E . 8.11 23.26 -24.00
HN61 SFG E . 14.55 22.65 -24.34
HN62 SFG E . 13.04 21.83 -24.62
H2 SFG E . 13.46 26.65 -22.31
N SFG F . -30.38 -8.33 -11.78
CA SFG F . -31.60 -8.03 -12.50
C SFG F . -32.92 -8.68 -11.93
O SFG F . -32.91 -9.46 -10.93
OXT SFG F . -34.04 -8.40 -12.46
CB SFG F . -31.45 -8.50 -13.95
CG SFG F . -31.17 -10.06 -14.03
CD SFG F . -31.31 -10.53 -15.47
NE SFG F . -32.25 -11.63 -15.46
C5' SFG F . -29.93 -10.97 -16.05
C4' SFG F . -29.03 -9.77 -16.27
O4' SFG F . -27.62 -10.21 -16.32
C3' SFG F . -29.29 -9.10 -17.56
O3' SFG F . -29.32 -7.70 -17.35
C2' SFG F . -28.16 -9.44 -18.47
O2' SFG F . -27.91 -8.38 -19.41
C1' SFG F . -27.02 -9.63 -17.57
N9 SFG F . -25.98 -10.51 -18.09
C8 SFG F . -26.31 -11.63 -18.62
N7 SFG F . -25.15 -12.25 -19.00
C5 SFG F . -24.03 -11.28 -18.56
C6 SFG F . -22.63 -11.18 -18.58
N6 SFG F . -21.83 -12.27 -19.16
N1 SFG F . -22.02 -10.14 -18.09
C2 SFG F . -22.71 -9.13 -17.55
N3 SFG F . -24.05 -9.12 -17.47
C4 SFG F . -24.75 -10.15 -17.96
HN1 SFG F . -30.55 -8.20 -10.81
HN2 SFG F . -30.17 -9.29 -11.89
HA SFG F . -31.72 -6.96 -12.42
HB1 SFG F . -30.63 -7.97 -14.40
HB2 SFG F . -32.37 -8.29 -14.48
HG1 SFG F . -30.15 -10.25 -13.69
HG2 SFG F . -31.87 -10.59 -13.40
HD SFG F . -31.67 -9.73 -16.10
HNE1 SFG F . -31.77 -12.50 -15.52
HNE2 SFG F . -32.93 -11.54 -16.21
H5'1 SFG F . -30.09 -11.49 -17.02
H5'2 SFG F . -29.44 -11.66 -15.34
H4' SFG F . -29.20 -9.08 -15.46
H3' SFG F . -30.24 -9.44 -17.99
HO3' SFG F . -29.96 -7.31 -17.92
H2' SFG F . -28.35 -10.34 -19.06
HO2' SFG F . -28.34 -8.58 -20.22
H1' SFG F . -26.55 -8.67 -17.40
H8 SFG F . -27.31 -11.87 -19.02
HN61 SFG F . -22.29 -13.11 -19.51
HN62 SFG F . -20.83 -12.19 -19.22
H2 SFG F . -22.15 -8.28 -17.15
N SFG G . 10.22 13.98 36.19
CA SFG G . 11.36 13.58 36.99
C SFG G . 12.62 14.30 36.42
O SFG G . 13.66 14.46 37.13
OXT SFG G . 12.62 14.74 35.22
CB SFG G . 11.53 12.07 36.95
CG SFG G . 11.94 11.50 38.39
CD SFG G . 12.01 9.97 38.43
NE SFG G . 12.94 9.45 37.46
C5' SFG G . 10.65 9.29 38.14
C4' SFG G . 9.54 9.81 39.05
O4' SFG G . 8.30 9.11 38.70
C3' SFG G . 9.83 9.52 40.46
O3' SFG G . 9.77 10.73 41.20
C2' SFG G . 8.78 8.55 40.93
O2' SFG G . 8.36 8.90 42.26
C1' SFG G . 7.66 8.72 39.99
N9 SFG G . 6.87 7.52 39.84
C8 SFG G . 7.42 6.36 39.74
N7 SFG G . 6.42 5.44 39.60
C5 SFG G . 5.12 6.28 39.61
C6 SFG G . 3.73 6.11 39.51
N6 SFG G . 3.17 4.74 39.35
N1 SFG G . 2.92 7.13 39.56
C2 SFG G . 3.38 8.36 39.72
N3 SFG G . 4.68 8.64 39.81
C4 SFG G . 5.58 7.66 39.77
HN1 SFG G . 9.37 13.78 36.68
HN2 SFG G . 10.25 13.52 35.32
HA SFG G . 11.21 13.85 38.02
HB1 SFG G . 12.31 11.81 36.25
HB2 SFG G . 10.60 11.61 36.65
HG1 SFG G . 12.91 11.90 38.65
HG2 SFG G . 11.21 11.83 39.11
HD SFG G . 12.34 9.74 39.44
HNE1 SFG G . 12.64 9.69 36.54
HNE2 SFG G . 13.88 9.80 37.64
H5'1 SFG G . 10.36 9.49 37.10
H5'2 SFG G . 10.75 8.21 38.29
H4' SFG G . 9.44 10.88 38.93
H3' SFG G . 10.82 9.06 40.58
HO3' SFG G . 10.23 10.62 42.01
H2' SFG G . 9.15 7.54 40.94
HO2' SFG G . 8.66 8.24 42.87
H1' SFG G . 6.99 9.48 40.37
H8 SFG G . 8.44 6.13 40.07
HN61 SFG G . 3.79 3.96 39.27
HN62 SFG G . 2.17 4.62 39.32
H2 SFG G . 2.66 9.19 39.76
N SFG H . 0.04 -26.57 -26.63
CA SFG H . -0.92 -27.08 -27.59
C SFG H . -1.41 -28.50 -27.14
O SFG H . -1.23 -28.89 -25.95
OXT SFG H . -1.97 -29.25 -27.97
CB SFG H . -0.32 -27.13 -28.98
CG SFG H . 1.18 -27.62 -28.94
CD SFG H . 1.74 -27.59 -30.35
NE SFG H . 2.19 -28.92 -30.68
C5' SFG H . 2.93 -26.57 -30.43
C4' SFG H . 2.40 -25.15 -30.50
O4' SFG H . 3.45 -24.22 -30.07
C3' SFG H . 2.02 -24.78 -31.88
O3' SFG H . 0.70 -24.25 -31.88
C2' SFG H . 2.98 -23.72 -32.32
O2' SFG H . 2.28 -22.72 -33.09
C1' SFG H . 3.49 -23.12 -31.09
N9 SFG H . 4.85 -22.61 -31.21
C8 SFG H . 5.75 -23.30 -31.81
N7 SFG H . 6.93 -22.58 -31.77
C5 SFG H . 6.55 -21.30 -31.00
C6 SFG H . 7.15 -20.10 -30.55
N6 SFG H . 8.58 -19.86 -30.81
N1 SFG H . 6.46 -19.22 -29.90
C2 SFG H . 5.18 -19.39 -29.63
N3 SFG H . 4.50 -20.49 -30.01
C4 SFG H . 5.12 -21.46 -30.69
HN1 SFG H . 0.13 -27.24 -25.88
HN2 SFG H . -0.27 -25.70 -26.28
HA SFG H . -1.77 -26.41 -27.61
HB1 SFG H . -0.36 -26.14 -29.41
HB2 SFG H . -0.90 -27.81 -29.59
HG1 SFG H . 1.76 -26.97 -28.30
HG2 SFG H . 1.22 -28.63 -28.56
HD SFG H . 0.99 -27.27 -31.06
HNE1 SFG H . 2.00 -29.12 -31.64
HNE2 SFG H . 3.18 -29.01 -30.50
H5'1 SFG H . 3.53 -26.79 -31.33
H5'2 SFG H . 3.55 -26.68 -29.53
H4' SFG H . 1.52 -25.08 -29.86
H3' SFG H . 2.08 -25.64 -32.54
HO3' SFG H . 0.31 -24.36 -32.73
H2' SFG H . 3.79 -24.13 -32.92
HO2' SFG H . 2.52 -22.81 -34.00
H1' SFG H . 2.88 -22.27 -30.82
H8 SFG H . 5.56 -24.12 -32.51
HN61 SFG H . 9.01 -19.00 -30.51
HN62 SFG H . 9.14 -20.57 -31.29
H2 SFG H . 4.64 -18.60 -29.09
#